data_2KUS
#
_entry.id   2KUS
#
_entity_poly.entity_id   1
_entity_poly.type   'polypeptide(L)'
_entity_poly.pdbx_seq_one_letter_code
;SGPNGQCGPGWGGCRGGLCCSQYGYCGSGPKYCAH
;
_entity_poly.pdbx_strand_id   A
#
# COMPACT_ATOMS: atom_id res chain seq x y z
N SER A 1 1.15 -6.54 -7.37
CA SER A 1 1.75 -5.30 -6.90
C SER A 1 3.22 -5.21 -7.30
N GLY A 2 3.62 -4.06 -7.82
CA GLY A 2 5.00 -3.87 -8.24
C GLY A 2 5.99 -4.19 -7.13
N PRO A 3 7.29 -4.24 -7.49
CA PRO A 3 8.30 -4.78 -6.58
C PRO A 3 8.59 -3.79 -5.45
N ASN A 4 8.12 -2.57 -5.62
CA ASN A 4 8.32 -1.51 -4.64
C ASN A 4 7.10 -1.38 -3.72
N GLY A 5 6.08 -2.21 -3.98
CA GLY A 5 4.88 -2.16 -3.17
C GLY A 5 3.86 -1.18 -3.71
N GLN A 6 3.89 -0.96 -5.02
CA GLN A 6 2.96 -0.04 -5.66
C GLN A 6 1.54 -0.58 -5.62
N CYS A 7 0.60 0.26 -5.17
CA CYS A 7 -0.80 -0.14 -5.08
C CYS A 7 -1.69 0.80 -5.89
N GLY A 8 -2.76 0.27 -6.46
CA GLY A 8 -3.67 1.08 -7.25
C GLY A 8 -3.88 0.51 -8.64
N PRO A 9 -4.32 1.39 -9.57
CA PRO A 9 -5.02 0.92 -10.75
C PRO A 9 -4.06 0.28 -11.76
N GLY A 10 -3.78 -1.00 -11.53
CA GLY A 10 -2.96 -1.75 -12.47
C GLY A 10 -1.91 -2.60 -11.77
N TRP A 11 -1.74 -2.36 -10.47
CA TRP A 11 -0.76 -3.11 -9.69
C TRP A 11 -1.44 -3.97 -8.63
N GLY A 12 -2.56 -3.47 -8.11
CA GLY A 12 -3.28 -4.20 -7.09
C GLY A 12 -3.26 -3.50 -5.75
N GLY A 13 -3.73 -4.20 -4.71
CA GLY A 13 -3.74 -3.63 -3.38
C GLY A 13 -2.54 -4.05 -2.55
N CYS A 14 -2.63 -3.86 -1.24
CA CYS A 14 -1.55 -4.21 -0.33
C CYS A 14 -1.90 -5.47 0.45
N ARG A 15 -0.89 -6.09 1.05
CA ARG A 15 -1.08 -7.31 1.83
C ARG A 15 -1.91 -7.02 3.09
N GLY A 16 -2.34 -8.08 3.76
CA GLY A 16 -3.13 -7.93 4.97
C GLY A 16 -2.50 -6.99 5.96
N GLY A 17 -1.22 -7.22 6.26
CA GLY A 17 -0.51 -6.37 7.21
C GLY A 17 -0.01 -5.09 6.58
N LEU A 18 -0.25 -4.93 5.28
CA LEU A 18 0.19 -3.74 4.56
C LEU A 18 -1.01 -2.88 4.16
N CYS A 19 -0.75 -1.60 3.89
CA CYS A 19 -1.80 -0.68 3.49
C CYS A 19 -1.28 0.33 2.47
N CYS A 20 -2.17 0.81 1.60
CA CYS A 20 -1.81 1.78 0.59
C CYS A 20 -1.56 3.15 1.21
N SER A 21 -0.33 3.65 1.05
CA SER A 21 0.03 4.95 1.60
C SER A 21 -0.44 6.07 0.69
N GLN A 22 -0.28 7.31 1.15
CA GLN A 22 -0.69 8.48 0.38
C GLN A 22 0.17 8.65 -0.86
N TYR A 23 1.26 7.88 -0.93
CA TYR A 23 2.17 7.96 -2.07
C TYR A 23 2.01 6.74 -2.97
N GLY A 24 0.97 5.95 -2.71
CA GLY A 24 0.72 4.76 -3.50
C GLY A 24 1.67 3.64 -3.18
N TYR A 25 2.38 3.76 -2.05
CA TYR A 25 3.33 2.74 -1.63
C TYR A 25 2.79 1.97 -0.43
N CYS A 26 2.86 0.64 -0.51
CA CYS A 26 2.39 -0.22 0.57
C CYS A 26 3.27 -0.07 1.81
N GLY A 27 2.63 -0.06 2.97
CA GLY A 27 3.37 0.07 4.22
C GLY A 27 2.51 -0.24 5.44
N SER A 28 3.17 -0.41 6.58
CA SER A 28 2.46 -0.71 7.83
C SER A 28 2.36 0.52 8.72
N GLY A 29 1.57 0.41 9.78
CA GLY A 29 1.40 1.52 10.69
C GLY A 29 0.09 2.25 10.51
N PRO A 30 -0.27 3.10 11.49
CA PRO A 30 -1.53 3.86 11.41
C PRO A 30 -1.40 5.00 10.40
N LYS A 31 -0.17 5.37 10.11
CA LYS A 31 0.11 6.45 9.17
C LYS A 31 -0.01 5.97 7.74
N TYR A 32 -0.20 4.66 7.57
CA TYR A 32 -0.34 4.07 6.25
C TYR A 32 -1.69 3.38 6.09
N CYS A 33 -2.21 2.84 7.20
CA CYS A 33 -3.49 2.16 7.18
C CYS A 33 -4.63 3.14 7.48
N ALA A 34 -4.38 4.06 8.40
CA ALA A 34 -5.39 5.05 8.78
C ALA A 34 -5.25 6.30 7.93
N HIS A 35 -5.41 6.13 6.61
CA HIS A 35 -5.31 7.26 5.68
C HIS A 35 -6.53 8.15 5.79
N SER A 1 1.33 -6.43 -7.28
CA SER A 1 1.87 -5.12 -6.93
C SER A 1 3.31 -4.99 -7.41
N GLY A 2 3.70 -3.77 -7.77
CA GLY A 2 5.04 -3.53 -8.26
C GLY A 2 6.09 -3.83 -7.21
N PRO A 3 7.38 -3.84 -7.63
CA PRO A 3 8.44 -4.37 -6.78
C PRO A 3 8.78 -3.39 -5.66
N ASN A 4 8.27 -2.18 -5.80
CA ASN A 4 8.51 -1.14 -4.80
C ASN A 4 7.30 -1.00 -3.86
N GLY A 5 6.30 -1.84 -4.06
CA GLY A 5 5.12 -1.81 -3.23
C GLY A 5 4.03 -0.93 -3.82
N GLN A 6 4.09 -0.70 -5.12
CA GLN A 6 3.10 0.13 -5.79
C GLN A 6 1.71 -0.50 -5.71
N CYS A 7 0.73 0.31 -5.31
CA CYS A 7 -0.65 -0.16 -5.17
C CYS A 7 -1.62 0.78 -5.88
N GLY A 8 -2.70 0.23 -6.41
CA GLY A 8 -3.69 1.03 -7.09
C GLY A 8 -3.97 0.52 -8.50
N PRO A 9 -4.49 1.42 -9.37
CA PRO A 9 -5.24 0.98 -10.53
C PRO A 9 -4.31 0.42 -11.61
N GLY A 10 -3.99 -0.86 -11.47
CA GLY A 10 -3.20 -1.55 -12.47
C GLY A 10 -2.11 -2.41 -11.88
N TRP A 11 -1.87 -2.23 -10.58
CA TRP A 11 -0.84 -3.00 -9.89
C TRP A 11 -1.45 -3.89 -8.82
N GLY A 12 -2.53 -3.43 -8.21
CA GLY A 12 -3.19 -4.20 -7.17
C GLY A 12 -2.95 -3.64 -5.79
N GLY A 13 -3.19 -4.47 -4.77
CA GLY A 13 -3.00 -4.03 -3.40
C GLY A 13 -2.13 -4.98 -2.61
N CYS A 14 -2.15 -4.84 -1.28
CA CYS A 14 -1.37 -5.69 -0.40
C CYS A 14 -2.24 -6.32 0.68
N ARG A 15 -1.71 -7.35 1.34
CA ARG A 15 -2.44 -8.04 2.39
C ARG A 15 -2.81 -7.08 3.52
N GLY A 16 -3.65 -7.53 4.42
CA GLY A 16 -4.07 -6.71 5.54
C GLY A 16 -2.89 -6.10 6.28
N GLY A 17 -1.84 -6.89 6.47
CA GLY A 17 -0.66 -6.41 7.16
C GLY A 17 -0.15 -5.11 6.59
N LEU A 18 -0.29 -4.94 5.28
CA LEU A 18 0.17 -3.72 4.61
C LEU A 18 -1.01 -2.88 4.14
N CYS A 19 -0.77 -1.60 3.93
CA CYS A 19 -1.81 -0.68 3.47
C CYS A 19 -1.27 0.31 2.45
N CYS A 20 -2.12 0.75 1.54
CA CYS A 20 -1.72 1.71 0.51
C CYS A 20 -1.50 3.08 1.10
N SER A 21 -0.27 3.59 0.97
CA SER A 21 0.08 4.91 1.50
C SER A 21 -0.40 6.01 0.56
N GLN A 22 -0.25 7.26 0.99
CA GLN A 22 -0.65 8.41 0.19
C GLN A 22 0.25 8.56 -1.03
N TYR A 23 1.34 7.81 -1.05
CA TYR A 23 2.28 7.86 -2.16
C TYR A 23 2.15 6.63 -3.05
N GLY A 24 1.10 5.84 -2.81
CA GLY A 24 0.88 4.64 -3.60
C GLY A 24 1.82 3.52 -3.21
N TYR A 25 2.49 3.67 -2.08
CA TYR A 25 3.43 2.66 -1.60
C TYR A 25 2.85 1.90 -0.41
N CYS A 26 2.93 0.57 -0.47
CA CYS A 26 2.43 -0.27 0.61
C CYS A 26 3.32 -0.18 1.84
N GLY A 27 2.70 -0.08 3.01
CA GLY A 27 3.45 0.01 4.25
C GLY A 27 2.59 -0.25 5.47
N SER A 28 3.24 -0.42 6.63
CA SER A 28 2.52 -0.67 7.87
C SER A 28 2.44 0.58 8.73
N GLY A 29 1.66 0.52 9.80
CA GLY A 29 1.52 1.66 10.68
C GLY A 29 0.20 2.39 10.48
N PRO A 30 -0.15 3.30 11.43
CA PRO A 30 -1.38 4.04 11.34
C PRO A 30 -1.27 5.15 10.28
N LYS A 31 -0.04 5.47 9.93
CA LYS A 31 0.23 6.51 8.94
C LYS A 31 0.08 5.95 7.53
N TYR A 32 -0.11 4.65 7.43
CA TYR A 32 -0.27 3.99 6.13
C TYR A 32 -1.64 3.32 6.03
N CYS A 33 -2.14 2.83 7.16
CA CYS A 33 -3.43 2.17 7.20
C CYS A 33 -4.54 3.15 7.56
N ALA A 34 -4.20 4.17 8.34
CA ALA A 34 -5.16 5.19 8.74
C ALA A 34 -6.46 4.55 9.23
N HIS A 35 -6.35 3.72 10.27
CA HIS A 35 -7.51 3.05 10.82
C HIS A 35 -7.23 2.52 12.23
N SER A 1 1.41 -6.28 -7.64
CA SER A 1 1.97 -5.05 -7.10
C SER A 1 3.42 -4.87 -7.52
N GLY A 2 3.75 -3.68 -7.99
CA GLY A 2 5.12 -3.40 -8.42
C GLY A 2 6.14 -3.75 -7.36
N PRO A 3 7.43 -3.79 -7.75
CA PRO A 3 8.46 -4.35 -6.90
C PRO A 3 8.80 -3.40 -5.75
N ASN A 4 8.31 -2.17 -5.87
CA ASN A 4 8.54 -1.16 -4.85
C ASN A 4 7.35 -1.05 -3.90
N GLY A 5 6.33 -1.88 -4.14
CA GLY A 5 5.15 -1.86 -3.31
C GLY A 5 4.05 -0.98 -3.87
N GLN A 6 4.09 -0.75 -5.18
CA GLN A 6 3.09 0.08 -5.84
C GLN A 6 1.71 -0.54 -5.74
N CYS A 7 0.73 0.26 -5.29
CA CYS A 7 -0.64 -0.21 -5.16
C CYS A 7 -1.61 0.72 -5.85
N GLY A 8 -2.70 0.16 -6.37
CA GLY A 8 -3.69 0.96 -7.06
C GLY A 8 -3.98 0.47 -8.47
N PRO A 9 -4.51 1.37 -9.32
CA PRO A 9 -5.27 0.93 -10.48
C PRO A 9 -4.34 0.38 -11.58
N GLY A 10 -4.01 -0.90 -11.44
CA GLY A 10 -3.23 -1.58 -12.46
C GLY A 10 -2.12 -2.43 -11.86
N TRP A 11 -1.87 -2.26 -10.57
CA TRP A 11 -0.82 -3.02 -9.89
C TRP A 11 -1.42 -3.92 -8.82
N GLY A 12 -2.51 -3.47 -8.20
CA GLY A 12 -3.16 -4.26 -7.17
C GLY A 12 -2.93 -3.69 -5.78
N GLY A 13 -3.16 -4.52 -4.77
CA GLY A 13 -2.99 -4.07 -3.40
C GLY A 13 -2.12 -5.02 -2.59
N CYS A 14 -2.16 -4.87 -1.27
CA CYS A 14 -1.37 -5.72 -0.38
C CYS A 14 -2.24 -6.34 0.70
N ARG A 15 -1.71 -7.37 1.36
CA ARG A 15 -2.45 -8.06 2.41
C ARG A 15 -2.82 -7.10 3.54
N GLY A 16 -3.68 -7.56 4.44
CA GLY A 16 -4.10 -6.72 5.55
C GLY A 16 -2.93 -6.12 6.30
N GLY A 17 -1.87 -6.91 6.49
CA GLY A 17 -0.69 -6.42 7.20
C GLY A 17 -0.18 -5.12 6.63
N LEU A 18 -0.32 -4.96 5.32
CA LEU A 18 0.15 -3.75 4.65
C LEU A 18 -1.03 -2.90 4.17
N CYS A 19 -0.79 -1.60 3.96
CA CYS A 19 -1.82 -0.70 3.50
C CYS A 19 -1.28 0.28 2.47
N CYS A 20 -2.14 0.72 1.56
CA CYS A 20 -1.73 1.65 0.52
C CYS A 20 -1.52 3.05 1.09
N SER A 21 -0.30 3.57 0.96
CA SER A 21 0.04 4.89 1.47
C SER A 21 -0.45 5.98 0.51
N GLN A 22 -0.33 7.23 0.94
CA GLN A 22 -0.75 8.36 0.14
C GLN A 22 0.16 8.54 -1.07
N TYR A 23 1.27 7.81 -1.07
CA TYR A 23 2.23 7.88 -2.18
C TYR A 23 2.12 6.68 -3.09
N GLY A 24 1.13 5.82 -2.81
CA GLY A 24 0.92 4.64 -3.62
C GLY A 24 1.85 3.50 -3.24
N TYR A 25 2.52 3.64 -2.10
CA TYR A 25 3.45 2.63 -1.62
C TYR A 25 2.87 1.89 -0.42
N CYS A 26 2.93 0.56 -0.46
CA CYS A 26 2.42 -0.26 0.63
C CYS A 26 3.30 -0.16 1.86
N GLY A 27 2.68 -0.07 3.03
CA GLY A 27 3.44 0.04 4.26
C GLY A 27 2.59 -0.24 5.49
N SER A 28 3.25 -0.42 6.63
CA SER A 28 2.55 -0.71 7.89
C SER A 28 2.46 0.54 8.76
N GLY A 29 1.67 0.45 9.82
CA GLY A 29 1.51 1.58 10.72
C GLY A 29 0.17 2.29 10.54
N PRO A 30 -0.21 3.12 11.55
CA PRO A 30 -1.46 3.84 11.49
C PRO A 30 -1.38 5.01 10.50
N LYS A 31 -0.14 5.41 10.20
CA LYS A 31 0.11 6.51 9.28
C LYS A 31 -0.02 6.04 7.83
N TYR A 32 -0.18 4.74 7.65
CA TYR A 32 -0.32 4.16 6.31
C TYR A 32 -1.67 3.46 6.16
N CYS A 33 -2.16 2.90 7.26
CA CYS A 33 -3.44 2.19 7.24
C CYS A 33 -4.59 3.15 7.56
N ALA A 34 -4.36 4.06 8.49
CA ALA A 34 -5.37 5.03 8.89
C ALA A 34 -5.27 6.30 8.04
N HIS A 35 -5.34 6.13 6.72
CA HIS A 35 -5.26 7.26 5.81
C HIS A 35 -3.96 8.03 6.01
N SER A 1 1.43 -6.30 -7.80
CA SER A 1 2.04 -5.17 -7.08
C SER A 1 3.48 -4.98 -7.49
N GLY A 2 3.80 -3.79 -7.99
CA GLY A 2 5.16 -3.49 -8.41
C GLY A 2 6.18 -3.81 -7.34
N PRO A 3 7.47 -3.81 -7.73
CA PRO A 3 8.52 -4.34 -6.86
C PRO A 3 8.83 -3.37 -5.72
N ASN A 4 8.32 -2.15 -5.87
CA ASN A 4 8.52 -1.11 -4.87
C ASN A 4 7.33 -1.01 -3.92
N GLY A 5 6.32 -1.86 -4.16
CA GLY A 5 5.14 -1.84 -3.32
C GLY A 5 4.04 -0.96 -3.88
N GLN A 6 4.07 -0.72 -5.19
CA GLN A 6 3.09 0.11 -5.85
C GLN A 6 1.69 -0.51 -5.73
N CYS A 7 0.73 0.28 -5.29
CA CYS A 7 -0.64 -0.18 -5.15
C CYS A 7 -1.62 0.76 -5.85
N GLY A 8 -2.70 0.19 -6.37
CA GLY A 8 -3.70 1.00 -7.06
C GLY A 8 -3.98 0.49 -8.46
N PRO A 9 -4.51 1.39 -9.32
CA PRO A 9 -5.27 0.96 -10.48
C PRO A 9 -4.34 0.40 -11.57
N GLY A 10 -4.02 -0.88 -11.43
CA GLY A 10 -3.23 -1.56 -12.44
C GLY A 10 -2.13 -2.42 -11.84
N TRP A 11 -1.88 -2.25 -10.55
CA TRP A 11 -0.84 -3.01 -9.87
C TRP A 11 -1.45 -3.92 -8.80
N GLY A 12 -2.53 -3.45 -8.18
CA GLY A 12 -3.18 -4.23 -7.14
C GLY A 12 -2.95 -3.67 -5.76
N GLY A 13 -3.19 -4.49 -4.74
CA GLY A 13 -3.00 -4.04 -3.37
C GLY A 13 -2.14 -5.00 -2.57
N CYS A 14 -2.18 -4.85 -1.25
CA CYS A 14 -1.40 -5.71 -0.36
C CYS A 14 -2.28 -6.33 0.71
N ARG A 15 -1.76 -7.36 1.38
CA ARG A 15 -2.50 -8.04 2.44
C ARG A 15 -2.86 -7.07 3.56
N GLY A 16 -3.72 -7.53 4.46
CA GLY A 16 -4.14 -6.69 5.57
C GLY A 16 -2.96 -6.09 6.32
N GLY A 17 -1.92 -6.88 6.50
CA GLY A 17 -0.74 -6.41 7.20
C GLY A 17 -0.21 -5.11 6.63
N LEU A 18 -0.34 -4.93 5.32
CA LEU A 18 0.12 -3.73 4.65
C LEU A 18 -1.06 -2.89 4.17
N CYS A 19 -0.81 -1.60 3.96
CA CYS A 19 -1.84 -0.68 3.49
C CYS A 19 -1.28 0.30 2.47
N CYS A 20 -2.14 0.75 1.56
CA CYS A 20 -1.73 1.70 0.53
C CYS A 20 -1.50 3.08 1.11
N SER A 21 -0.27 3.58 0.98
CA SER A 21 0.08 4.89 1.50
C SER A 21 -0.39 6.00 0.56
N GLN A 22 -0.25 7.24 1.00
CA GLN A 22 -0.67 8.39 0.20
C GLN A 22 0.25 8.56 -1.01
N TYR A 23 1.35 7.82 -1.03
CA TYR A 23 2.30 7.89 -2.12
C TYR A 23 2.16 6.69 -3.05
N GLY A 24 1.17 5.85 -2.76
CA GLY A 24 0.95 4.67 -3.58
C GLY A 24 1.87 3.52 -3.21
N TYR A 25 2.54 3.65 -2.08
CA TYR A 25 3.45 2.61 -1.62
C TYR A 25 2.88 1.87 -0.40
N CYS A 26 2.92 0.55 -0.45
CA CYS A 26 2.40 -0.27 0.63
C CYS A 26 3.30 -0.17 1.86
N GLY A 27 2.68 -0.09 3.04
CA GLY A 27 3.43 0.01 4.27
C GLY A 27 2.57 -0.24 5.49
N SER A 28 3.22 -0.40 6.65
CA SER A 28 2.51 -0.65 7.89
C SER A 28 2.43 0.61 8.74
N GLY A 29 1.66 0.54 9.82
CA GLY A 29 1.51 1.68 10.70
C GLY A 29 0.19 2.41 10.50
N PRO A 30 -0.15 3.33 11.45
CA PRO A 30 -1.38 4.08 11.36
C PRO A 30 -1.28 5.17 10.30
N LYS A 31 -0.04 5.50 9.95
CA LYS A 31 0.23 6.53 8.94
C LYS A 31 0.07 5.97 7.54
N TYR A 32 -0.11 4.66 7.45
CA TYR A 32 -0.28 4.00 6.15
C TYR A 32 -1.65 3.33 6.04
N CYS A 33 -2.15 2.85 7.18
CA CYS A 33 -3.44 2.19 7.22
C CYS A 33 -4.55 3.18 7.57
N ALA A 34 -4.20 4.19 8.35
CA ALA A 34 -5.16 5.21 8.77
C ALA A 34 -6.46 4.57 9.25
N HIS A 35 -6.33 3.48 10.00
CA HIS A 35 -7.49 2.77 10.53
C HIS A 35 -8.48 2.44 9.41
N SER A 1 1.20 -6.12 -7.20
CA SER A 1 1.82 -4.86 -6.80
C SER A 1 3.27 -4.78 -7.28
N GLY A 2 3.65 -3.62 -7.79
CA GLY A 2 5.01 -3.43 -8.27
C GLY A 2 6.05 -3.79 -7.23
N PRO A 3 7.34 -3.83 -7.65
CA PRO A 3 8.38 -4.41 -6.82
C PRO A 3 8.74 -3.46 -5.67
N ASN A 4 8.26 -2.23 -5.78
CA ASN A 4 8.52 -1.21 -4.77
C ASN A 4 7.32 -1.07 -3.81
N GLY A 5 6.30 -1.88 -4.05
CA GLY A 5 5.11 -1.82 -3.21
C GLY A 5 4.03 -0.95 -3.80
N GLN A 6 4.10 -0.73 -5.11
CA GLN A 6 3.12 0.11 -5.79
C GLN A 6 1.72 -0.52 -5.69
N CYS A 7 0.74 0.30 -5.31
CA CYS A 7 -0.63 -0.15 -5.18
C CYS A 7 -1.60 0.78 -5.89
N GLY A 8 -2.68 0.22 -6.43
CA GLY A 8 -3.66 1.02 -7.13
C GLY A 8 -3.93 0.51 -8.53
N PRO A 9 -4.45 1.40 -9.41
CA PRO A 9 -5.20 0.96 -10.57
C PRO A 9 -4.28 0.38 -11.64
N GLY A 10 -3.96 -0.90 -11.48
CA GLY A 10 -3.17 -1.61 -12.47
C GLY A 10 -2.08 -2.47 -11.87
N TRP A 11 -1.85 -2.28 -10.57
CA TRP A 11 -0.82 -3.05 -9.87
C TRP A 11 -1.45 -3.93 -8.79
N GLY A 12 -2.52 -3.45 -8.19
CA GLY A 12 -3.20 -4.21 -7.15
C GLY A 12 -2.95 -3.63 -5.77
N GLY A 13 -3.21 -4.44 -4.74
CA GLY A 13 -3.01 -3.99 -3.37
C GLY A 13 -2.16 -4.95 -2.56
N CYS A 14 -2.19 -4.79 -1.24
CA CYS A 14 -1.42 -5.64 -0.36
C CYS A 14 -2.31 -6.24 0.73
N ARG A 15 -1.85 -7.34 1.33
CA ARG A 15 -2.60 -8.01 2.38
C ARG A 15 -2.82 -7.07 3.57
N GLY A 16 -3.63 -7.53 4.52
CA GLY A 16 -3.91 -6.71 5.69
C GLY A 16 -2.66 -6.23 6.38
N GLY A 17 -1.61 -7.04 6.33
CA GLY A 17 -0.35 -6.67 6.95
C GLY A 17 0.19 -5.35 6.42
N LEU A 18 -0.24 -4.97 5.23
CA LEU A 18 0.20 -3.73 4.61
C LEU A 18 -0.99 -2.90 4.14
N CYS A 19 -0.76 -1.61 3.92
CA CYS A 19 -1.81 -0.71 3.46
C CYS A 19 -1.27 0.29 2.44
N CYS A 20 -2.13 0.72 1.53
CA CYS A 20 -1.74 1.66 0.49
C CYS A 20 -1.54 3.06 1.08
N SER A 21 -0.31 3.57 0.95
CA SER A 21 0.02 4.89 1.48
C SER A 21 -0.46 5.98 0.53
N GLN A 22 -0.33 7.23 0.96
CA GLN A 22 -0.74 8.37 0.15
C GLN A 22 0.16 8.54 -1.07
N TYR A 23 1.27 7.80 -1.08
CA TYR A 23 2.23 7.87 -2.17
C TYR A 23 2.11 6.63 -3.06
N GLY A 24 1.08 5.83 -2.83
CA GLY A 24 0.88 4.63 -3.62
C GLY A 24 1.82 3.51 -3.23
N TYR A 25 2.48 3.67 -2.09
CA TYR A 25 3.43 2.67 -1.60
C TYR A 25 2.85 1.91 -0.41
N CYS A 26 2.94 0.58 -0.47
CA CYS A 26 2.43 -0.27 0.60
C CYS A 26 3.32 -0.18 1.83
N GLY A 27 2.70 -0.07 3.00
CA GLY A 27 3.44 0.02 4.24
C GLY A 27 2.59 -0.25 5.46
N SER A 28 3.24 -0.45 6.61
CA SER A 28 2.53 -0.73 7.86
C SER A 28 2.44 0.52 8.73
N GLY A 29 1.65 0.43 9.78
CA GLY A 29 1.48 1.56 10.68
C GLY A 29 0.16 2.27 10.49
N PRO A 30 -0.23 3.13 11.48
CA PRO A 30 -1.48 3.85 11.41
C PRO A 30 -1.38 5.00 10.40
N LYS A 31 -0.14 5.39 10.10
CA LYS A 31 0.12 6.47 9.17
C LYS A 31 -0.02 5.98 7.73
N TYR A 32 -0.19 4.68 7.56
CA TYR A 32 -0.32 4.09 6.23
C TYR A 32 -1.68 3.40 6.08
N CYS A 33 -2.18 2.85 7.19
CA CYS A 33 -3.46 2.16 7.19
C CYS A 33 -4.60 3.12 7.50
N ALA A 34 -4.36 4.03 8.44
CA ALA A 34 -5.36 5.01 8.83
C ALA A 34 -5.25 6.28 7.99
N HIS A 35 -5.19 6.11 6.67
CA HIS A 35 -5.09 7.23 5.76
C HIS A 35 -3.87 8.09 6.10
N SER A 1 1.33 -6.30 -7.37
CA SER A 1 1.89 -5.02 -6.93
C SER A 1 3.34 -4.88 -7.40
N GLY A 2 3.69 -3.68 -7.87
CA GLY A 2 5.04 -3.44 -8.34
C GLY A 2 6.09 -3.78 -7.30
N PRO A 3 7.37 -3.80 -7.71
CA PRO A 3 8.42 -4.36 -6.89
C PRO A 3 8.77 -3.42 -5.74
N ASN A 4 8.28 -2.19 -5.84
CA ASN A 4 8.52 -1.17 -4.82
C ASN A 4 7.33 -1.05 -3.89
N GLY A 5 6.31 -1.88 -4.11
CA GLY A 5 5.13 -1.84 -3.27
C GLY A 5 4.04 -0.96 -3.86
N GLN A 6 4.11 -0.72 -5.16
CA GLN A 6 3.12 0.11 -5.83
C GLN A 6 1.73 -0.51 -5.73
N CYS A 7 0.75 0.30 -5.32
CA CYS A 7 -0.62 -0.17 -5.18
C CYS A 7 -1.60 0.77 -5.89
N GLY A 8 -2.68 0.21 -6.40
CA GLY A 8 -3.66 1.01 -7.10
C GLY A 8 -3.95 0.50 -8.49
N PRO A 9 -4.47 1.39 -9.37
CA PRO A 9 -5.24 0.95 -10.52
C PRO A 9 -4.32 0.38 -11.60
N GLY A 10 -3.99 -0.90 -11.44
CA GLY A 10 -3.22 -1.60 -12.46
C GLY A 10 -2.12 -2.45 -11.86
N TRP A 11 -1.87 -2.27 -10.56
CA TRP A 11 -0.84 -3.04 -9.87
C TRP A 11 -1.45 -3.93 -8.79
N GLY A 12 -2.52 -3.45 -8.19
CA GLY A 12 -3.18 -4.22 -7.14
C GLY A 12 -2.94 -3.64 -5.75
N GLY A 13 -3.18 -4.45 -4.73
CA GLY A 13 -2.99 -4.00 -3.37
C GLY A 13 -2.15 -4.97 -2.55
N CYS A 14 -2.18 -4.79 -1.23
CA CYS A 14 -1.42 -5.65 -0.34
C CYS A 14 -2.32 -6.25 0.74
N ARG A 15 -1.86 -7.34 1.36
CA ARG A 15 -2.62 -8.00 2.40
C ARG A 15 -2.85 -7.07 3.59
N GLY A 16 -3.67 -7.51 4.53
CA GLY A 16 -3.96 -6.70 5.70
C GLY A 16 -2.71 -6.21 6.39
N GLY A 17 -1.66 -7.02 6.37
CA GLY A 17 -0.41 -6.66 7.00
C GLY A 17 0.14 -5.34 6.46
N LEU A 18 -0.29 -4.96 5.27
CA LEU A 18 0.16 -3.73 4.64
C LEU A 18 -1.03 -2.90 4.16
N CYS A 19 -0.78 -1.61 3.94
CA CYS A 19 -1.82 -0.70 3.47
C CYS A 19 -1.27 0.28 2.45
N CYS A 20 -2.12 0.72 1.52
CA CYS A 20 -1.72 1.66 0.49
C CYS A 20 -1.52 3.05 1.08
N SER A 21 -0.29 3.57 0.94
CA SER A 21 0.04 4.89 1.46
C SER A 21 -0.43 5.99 0.51
N GLN A 22 -0.32 7.23 0.95
CA GLN A 22 -0.73 8.37 0.13
C GLN A 22 0.18 8.54 -1.07
N TYR A 23 1.29 7.81 -1.07
CA TYR A 23 2.25 7.89 -2.16
C TYR A 23 2.13 6.69 -3.09
N GLY A 24 1.15 5.84 -2.81
CA GLY A 24 0.94 4.65 -3.62
C GLY A 24 1.87 3.52 -3.25
N TYR A 25 2.53 3.65 -2.11
CA TYR A 25 3.46 2.63 -1.63
C TYR A 25 2.88 1.90 -0.43
N CYS A 26 2.94 0.56 -0.47
CA CYS A 26 2.43 -0.26 0.61
C CYS A 26 3.31 -0.15 1.85
N GLY A 27 2.69 -0.06 3.02
CA GLY A 27 3.44 0.04 4.25
C GLY A 27 2.58 -0.25 5.48
N SER A 28 3.24 -0.42 6.63
CA SER A 28 2.53 -0.71 7.87
C SER A 28 2.43 0.53 8.74
N GLY A 29 1.65 0.45 9.80
CA GLY A 29 1.48 1.58 10.70
C GLY A 29 0.14 2.27 10.52
N PRO A 30 -0.24 3.11 11.52
CA PRO A 30 -1.50 3.83 11.45
C PRO A 30 -1.41 4.99 10.46
N LYS A 31 -0.19 5.40 10.17
CA LYS A 31 0.07 6.49 9.25
C LYS A 31 -0.06 6.02 7.80
N TYR A 32 -0.21 4.72 7.61
CA TYR A 32 -0.34 4.14 6.28
C TYR A 32 -1.68 3.43 6.12
N CYS A 33 -2.19 2.88 7.22
CA CYS A 33 -3.46 2.17 7.21
C CYS A 33 -4.61 3.12 7.51
N ALA A 34 -4.38 4.03 8.46
CA ALA A 34 -5.40 5.00 8.85
C ALA A 34 -5.30 6.27 8.01
N HIS A 35 -5.22 6.11 6.69
CA HIS A 35 -5.12 7.24 5.79
C HIS A 35 -3.93 8.12 6.14
N SER A 1 0.85 -6.50 -7.11
CA SER A 1 1.48 -5.22 -6.76
C SER A 1 2.95 -5.23 -7.16
N GLY A 2 3.42 -4.10 -7.70
CA GLY A 2 4.80 -3.99 -8.11
C GLY A 2 5.77 -4.33 -6.99
N PRO A 3 7.07 -4.42 -7.33
CA PRO A 3 8.04 -4.98 -6.42
C PRO A 3 8.37 -4.01 -5.29
N ASN A 4 7.93 -2.77 -5.48
CA ASN A 4 8.16 -1.71 -4.49
C ASN A 4 6.92 -1.50 -3.62
N GLY A 5 5.89 -2.29 -3.88
CA GLY A 5 4.66 -2.18 -3.11
C GLY A 5 3.71 -1.17 -3.70
N GLN A 6 3.81 -0.95 -5.00
CA GLN A 6 2.93 0.01 -5.69
C GLN A 6 1.49 -0.47 -5.67
N CYS A 7 0.59 0.42 -5.26
CA CYS A 7 -0.84 0.08 -5.19
C CYS A 7 -1.65 1.03 -6.08
N GLY A 8 -2.73 0.51 -6.64
CA GLY A 8 -3.58 1.32 -7.49
C GLY A 8 -3.79 0.71 -8.86
N PRO A 9 -4.17 1.55 -9.85
CA PRO A 9 -4.86 1.05 -11.02
C PRO A 9 -3.91 0.32 -11.97
N GLY A 10 -3.70 -0.96 -11.67
CA GLY A 10 -2.90 -1.81 -12.54
C GLY A 10 -1.92 -2.67 -11.77
N TRP A 11 -1.76 -2.38 -10.48
CA TRP A 11 -0.85 -3.14 -9.64
C TRP A 11 -1.61 -3.89 -8.55
N GLY A 12 -2.69 -3.30 -8.08
CA GLY A 12 -3.49 -3.93 -7.04
C GLY A 12 -3.40 -3.19 -5.72
N GLY A 13 -3.82 -3.86 -4.64
CA GLY A 13 -3.77 -3.26 -3.33
C GLY A 13 -2.70 -3.86 -2.44
N CYS A 14 -2.78 -3.60 -1.14
CA CYS A 14 -1.82 -4.11 -0.18
C CYS A 14 -2.45 -5.18 0.71
N ARG A 15 -1.60 -6.01 1.31
CA ARG A 15 -2.08 -7.07 2.18
C ARG A 15 -1.01 -7.45 3.21
N GLY A 16 -1.31 -8.47 4.02
CA GLY A 16 -0.37 -8.91 5.04
C GLY A 16 0.03 -7.79 5.97
N GLY A 17 -0.95 -7.00 6.42
CA GLY A 17 -0.68 -5.91 7.33
C GLY A 17 -0.28 -4.64 6.60
N LEU A 18 -0.08 -4.75 5.29
CA LEU A 18 0.31 -3.61 4.47
C LEU A 18 -0.92 -2.81 4.04
N CYS A 19 -0.70 -1.54 3.73
CA CYS A 19 -1.79 -0.66 3.30
C CYS A 19 -1.28 0.37 2.30
N CYS A 20 -2.18 0.83 1.42
CA CYS A 20 -1.83 1.82 0.42
C CYS A 20 -1.57 3.18 1.06
N SER A 21 -0.33 3.65 0.96
CA SER A 21 0.07 4.93 1.53
C SER A 21 -0.35 6.08 0.62
N GLN A 22 -0.16 7.30 1.09
CA GLN A 22 -0.51 8.48 0.32
C GLN A 22 0.39 8.63 -0.90
N TYR A 23 1.46 7.84 -0.94
CA TYR A 23 2.40 7.88 -2.06
C TYR A 23 2.23 6.66 -2.96
N GLY A 24 1.16 5.91 -2.73
CA GLY A 24 0.91 4.72 -3.52
C GLY A 24 1.85 3.58 -3.18
N TYR A 25 2.52 3.69 -2.03
CA TYR A 25 3.45 2.67 -1.59
C TYR A 25 2.88 1.89 -0.41
N CYS A 26 2.94 0.56 -0.49
CA CYS A 26 2.44 -0.30 0.57
C CYS A 26 3.27 -0.15 1.84
N GLY A 27 2.60 -0.03 2.97
CA GLY A 27 3.30 0.11 4.23
C GLY A 27 2.43 -0.24 5.43
N SER A 28 3.06 -0.41 6.59
CA SER A 28 2.32 -0.76 7.80
C SER A 28 2.18 0.45 8.71
N GLY A 29 1.38 0.31 9.75
CA GLY A 29 1.16 1.40 10.69
C GLY A 29 -0.15 2.12 10.46
N PRO A 30 -0.57 2.95 11.45
CA PRO A 30 -1.82 3.68 11.35
C PRO A 30 -1.67 4.86 10.38
N LYS A 31 -0.43 5.24 10.14
CA LYS A 31 -0.11 6.35 9.25
C LYS A 31 -0.20 5.90 7.79
N TYR A 32 -0.36 4.60 7.58
CA TYR A 32 -0.45 4.05 6.23
C TYR A 32 -1.79 3.35 6.01
N CYS A 33 -2.33 2.78 7.08
CA CYS A 33 -3.61 2.09 7.01
C CYS A 33 -4.76 3.04 7.28
N ALA A 34 -4.49 4.09 8.05
CA ALA A 34 -5.50 5.08 8.38
C ALA A 34 -4.89 6.47 8.57
N HIS A 35 -4.53 7.10 7.46
CA HIS A 35 -3.92 8.43 7.50
C HIS A 35 -2.74 8.46 8.46
N SER A 1 0.79 -6.58 -7.25
CA SER A 1 1.44 -5.35 -6.78
C SER A 1 2.91 -5.34 -7.17
N GLY A 2 3.36 -4.20 -7.70
CA GLY A 2 4.76 -4.08 -8.10
C GLY A 2 5.72 -4.45 -6.99
N PRO A 3 7.01 -4.58 -7.33
CA PRO A 3 7.98 -5.17 -6.42
C PRO A 3 8.34 -4.19 -5.30
N ASN A 4 7.93 -2.94 -5.48
CA ASN A 4 8.19 -1.90 -4.50
C ASN A 4 6.97 -1.66 -3.62
N GLY A 5 5.91 -2.42 -3.86
CA GLY A 5 4.69 -2.28 -3.09
C GLY A 5 3.75 -1.24 -3.67
N GLN A 6 3.82 -1.05 -4.99
CA GLN A 6 2.97 -0.08 -5.67
C GLN A 6 1.52 -0.52 -5.66
N CYS A 7 0.63 0.37 -5.25
CA CYS A 7 -0.79 0.06 -5.20
C CYS A 7 -1.59 1.03 -6.06
N GLY A 8 -2.69 0.54 -6.65
CA GLY A 8 -3.52 1.36 -7.50
C GLY A 8 -3.72 0.77 -8.87
N PRO A 9 -4.08 1.61 -9.85
CA PRO A 9 -4.78 1.15 -11.04
C PRO A 9 -3.82 0.40 -11.98
N GLY A 10 -3.64 -0.89 -11.69
CA GLY A 10 -2.85 -1.73 -12.57
C GLY A 10 -1.88 -2.61 -11.80
N TRP A 11 -1.73 -2.34 -10.51
CA TRP A 11 -0.83 -3.12 -9.66
C TRP A 11 -1.61 -3.87 -8.59
N GLY A 12 -2.70 -3.26 -8.12
CA GLY A 12 -3.50 -3.88 -7.09
C GLY A 12 -3.41 -3.16 -5.76
N GLY A 13 -3.85 -3.83 -4.69
CA GLY A 13 -3.81 -3.24 -3.37
C GLY A 13 -2.73 -3.83 -2.50
N CYS A 14 -2.81 -3.58 -1.20
CA CYS A 14 -1.82 -4.10 -0.26
C CYS A 14 -2.42 -5.20 0.60
N ARG A 15 -1.55 -5.99 1.25
CA ARG A 15 -1.99 -7.08 2.09
C ARG A 15 -0.94 -7.41 3.14
N GLY A 16 -1.19 -8.45 3.93
CA GLY A 16 -0.26 -8.85 4.97
C GLY A 16 0.04 -7.74 5.94
N GLY A 17 -1.00 -7.01 6.36
CA GLY A 17 -0.83 -5.92 7.29
C GLY A 17 -0.40 -4.64 6.60
N LEU A 18 -0.18 -4.71 5.30
CA LEU A 18 0.23 -3.55 4.52
C LEU A 18 -0.98 -2.76 4.04
N CYS A 19 -0.77 -1.47 3.78
CA CYS A 19 -1.84 -0.60 3.31
C CYS A 19 -1.32 0.42 2.32
N CYS A 20 -2.19 0.88 1.42
CA CYS A 20 -1.82 1.87 0.42
C CYS A 20 -1.54 3.23 1.06
N SER A 21 -0.30 3.68 0.96
CA SER A 21 0.08 4.97 1.53
C SER A 21 -0.33 6.11 0.62
N GLN A 22 -0.13 7.34 1.09
CA GLN A 22 -0.48 8.52 0.31
C GLN A 22 0.42 8.67 -0.90
N TYR A 23 1.47 7.88 -0.95
CA TYR A 23 2.42 7.91 -2.06
C TYR A 23 2.25 6.69 -2.97
N GLY A 24 1.18 5.93 -2.73
CA GLY A 24 0.92 4.75 -3.52
C GLY A 24 1.84 3.60 -3.18
N TYR A 25 2.51 3.71 -2.03
CA TYR A 25 3.44 2.68 -1.59
C TYR A 25 2.87 1.92 -0.40
N CYS A 26 2.92 0.59 -0.48
CA CYS A 26 2.40 -0.26 0.59
C CYS A 26 3.27 -0.15 1.84
N GLY A 27 2.61 0.02 2.99
CA GLY A 27 3.34 0.15 4.24
C GLY A 27 2.47 -0.14 5.44
N SER A 28 3.10 -0.32 6.60
CA SER A 28 2.38 -0.61 7.83
C SER A 28 2.25 0.63 8.70
N GLY A 29 1.48 0.52 9.78
CA GLY A 29 1.30 1.64 10.68
C GLY A 29 -0.03 2.34 10.47
N PRO A 30 -0.42 3.21 11.44
CA PRO A 30 -1.68 3.93 11.35
C PRO A 30 -1.59 5.06 10.32
N LYS A 31 -0.35 5.44 10.01
CA LYS A 31 -0.10 6.50 9.04
C LYS A 31 -0.20 5.97 7.62
N TYR A 32 -0.35 4.66 7.48
CA TYR A 32 -0.45 4.03 6.16
C TYR A 32 -1.79 3.32 6.01
N CYS A 33 -2.31 2.80 7.11
CA CYS A 33 -3.59 2.11 7.10
C CYS A 33 -4.73 3.04 7.46
N ALA A 34 -4.42 4.05 8.28
CA ALA A 34 -5.42 5.02 8.71
C ALA A 34 -6.47 4.38 9.62
N HIS A 35 -6.00 3.54 10.55
CA HIS A 35 -6.89 2.87 11.48
C HIS A 35 -6.16 2.54 12.79
N SER A 1 0.60 -6.28 -6.61
CA SER A 1 1.29 -5.00 -6.58
C SER A 1 2.73 -5.13 -7.05
N GLY A 2 3.27 -4.07 -7.62
CA GLY A 2 4.63 -4.09 -8.11
C GLY A 2 5.63 -4.46 -7.03
N PRO A 3 6.91 -4.60 -7.41
CA PRO A 3 7.90 -5.20 -6.52
C PRO A 3 8.30 -4.22 -5.42
N ASN A 4 7.90 -2.96 -5.60
CA ASN A 4 8.20 -1.92 -4.63
C ASN A 4 7.01 -1.66 -3.72
N GLY A 5 5.93 -2.41 -3.93
CA GLY A 5 4.74 -2.25 -3.13
C GLY A 5 3.80 -1.20 -3.69
N GLN A 6 3.82 -1.03 -5.00
CA GLN A 6 2.97 -0.05 -5.67
C GLN A 6 1.51 -0.51 -5.65
N CYS A 7 0.62 0.38 -5.22
CA CYS A 7 -0.80 0.08 -5.16
C CYS A 7 -1.61 1.03 -6.03
N GLY A 8 -2.69 0.54 -6.61
CA GLY A 8 -3.53 1.36 -7.46
C GLY A 8 -3.74 0.76 -8.83
N PRO A 9 -4.10 1.62 -9.81
CA PRO A 9 -4.79 1.16 -11.00
C PRO A 9 -3.83 0.42 -11.95
N GLY A 10 -3.65 -0.87 -11.66
CA GLY A 10 -2.85 -1.70 -12.53
C GLY A 10 -1.89 -2.60 -11.77
N TRP A 11 -1.74 -2.33 -10.47
CA TRP A 11 -0.84 -3.11 -9.63
C TRP A 11 -1.61 -3.86 -8.56
N GLY A 12 -2.70 -3.25 -8.08
CA GLY A 12 -3.51 -3.88 -7.06
C GLY A 12 -3.42 -3.17 -5.72
N GLY A 13 -3.83 -3.85 -4.66
CA GLY A 13 -3.78 -3.25 -3.33
C GLY A 13 -2.68 -3.86 -2.47
N CYS A 14 -2.75 -3.61 -1.17
CA CYS A 14 -1.75 -4.13 -0.24
C CYS A 14 -2.33 -5.25 0.61
N ARG A 15 -1.45 -6.05 1.21
CA ARG A 15 -1.88 -7.16 2.05
C ARG A 15 -0.82 -7.48 3.10
N GLY A 16 -1.07 -8.53 3.88
CA GLY A 16 -0.13 -8.93 4.91
C GLY A 16 0.16 -7.82 5.89
N GLY A 17 -0.88 -7.12 6.30
CA GLY A 17 -0.72 -6.02 7.24
C GLY A 17 -0.31 -4.72 6.57
N LEU A 18 -0.06 -4.79 5.27
CA LEU A 18 0.33 -3.61 4.50
C LEU A 18 -0.89 -2.82 4.05
N CYS A 19 -0.69 -1.53 3.79
CA CYS A 19 -1.77 -0.66 3.35
C CYS A 19 -1.26 0.38 2.35
N CYS A 20 -2.16 0.82 1.47
CA CYS A 20 -1.80 1.81 0.46
C CYS A 20 -1.55 3.17 1.09
N SER A 21 -0.31 3.64 0.99
CA SER A 21 0.06 4.94 1.56
C SER A 21 -0.36 6.08 0.64
N GLN A 22 -0.18 7.31 1.12
CA GLN A 22 -0.54 8.48 0.34
C GLN A 22 0.36 8.63 -0.89
N TYR A 23 1.44 7.85 -0.92
CA TYR A 23 2.39 7.89 -2.03
C TYR A 23 2.23 6.68 -2.92
N GLY A 24 1.17 5.90 -2.70
CA GLY A 24 0.93 4.72 -3.49
C GLY A 24 1.87 3.58 -3.13
N TYR A 25 2.53 3.70 -1.99
CA TYR A 25 3.47 2.68 -1.54
C TYR A 25 2.90 1.91 -0.36
N CYS A 26 2.96 0.58 -0.44
CA CYS A 26 2.45 -0.28 0.62
C CYS A 26 3.29 -0.13 1.90
N GLY A 27 2.63 0.00 3.04
CA GLY A 27 3.33 0.14 4.30
C GLY A 27 2.45 -0.18 5.49
N SER A 28 3.07 -0.36 6.65
CA SER A 28 2.34 -0.67 7.87
C SER A 28 2.20 0.56 8.76
N GLY A 29 1.38 0.43 9.80
CA GLY A 29 1.17 1.55 10.70
C GLY A 29 -0.15 2.25 10.47
N PRO A 30 -0.57 3.10 11.45
CA PRO A 30 -1.82 3.82 11.32
C PRO A 30 -1.69 4.97 10.32
N LYS A 31 -0.46 5.36 10.08
CA LYS A 31 -0.17 6.45 9.14
C LYS A 31 -0.24 5.96 7.70
N TYR A 32 -0.40 4.65 7.53
CA TYR A 32 -0.47 4.05 6.20
C TYR A 32 -1.81 3.35 6.00
N CYS A 33 -2.36 2.80 7.09
CA CYS A 33 -3.63 2.10 7.04
C CYS A 33 -4.79 3.05 7.32
N ALA A 34 -4.58 3.96 8.27
CA ALA A 34 -5.61 4.92 8.63
C ALA A 34 -5.49 6.20 7.81
N HIS A 35 -5.39 6.04 6.49
CA HIS A 35 -5.27 7.18 5.59
C HIS A 35 -4.00 7.97 5.90
N SER A 1 1.24 -6.21 -6.95
CA SER A 1 1.82 -4.89 -6.69
C SER A 1 3.26 -4.84 -7.19
N GLY A 2 3.65 -3.69 -7.73
CA GLY A 2 5.00 -3.52 -8.24
C GLY A 2 6.05 -3.85 -7.19
N PRO A 3 7.32 -3.89 -7.62
CA PRO A 3 8.38 -4.45 -6.78
C PRO A 3 8.75 -3.46 -5.67
N ASN A 4 8.27 -2.23 -5.81
CA ASN A 4 8.54 -1.19 -4.83
C ASN A 4 7.35 -1.02 -3.88
N GLY A 5 6.33 -1.84 -4.07
CA GLY A 5 5.15 -1.75 -3.23
C GLY A 5 4.07 -0.89 -3.83
N GLN A 6 4.11 -0.72 -5.15
CA GLN A 6 3.12 0.10 -5.85
C GLN A 6 1.72 -0.51 -5.74
N CYS A 7 0.75 0.30 -5.36
CA CYS A 7 -0.62 -0.17 -5.22
C CYS A 7 -1.59 0.76 -5.95
N GLY A 8 -2.67 0.20 -6.48
CA GLY A 8 -3.66 0.98 -7.18
C GLY A 8 -3.93 0.46 -8.58
N PRO A 9 -4.44 1.35 -9.46
CA PRO A 9 -5.20 0.89 -10.62
C PRO A 9 -4.26 0.32 -11.69
N GLY A 10 -3.94 -0.96 -11.52
CA GLY A 10 -3.16 -1.66 -12.52
C GLY A 10 -2.06 -2.51 -11.90
N TRP A 11 -1.83 -2.33 -10.60
CA TRP A 11 -0.80 -3.09 -9.90
C TRP A 11 -1.42 -3.96 -8.81
N GLY A 12 -2.51 -3.48 -8.22
CA GLY A 12 -3.17 -4.24 -7.17
C GLY A 12 -2.93 -3.66 -5.79
N GLY A 13 -3.18 -4.47 -4.77
CA GLY A 13 -2.99 -4.02 -3.41
C GLY A 13 -2.12 -4.97 -2.59
N CYS A 14 -2.15 -4.81 -1.27
CA CYS A 14 -1.37 -5.67 -0.39
C CYS A 14 -2.24 -6.27 0.69
N ARG A 15 -1.72 -7.30 1.36
CA ARG A 15 -2.46 -7.97 2.43
C ARG A 15 -2.82 -7.00 3.54
N GLY A 16 -3.68 -7.45 4.45
CA GLY A 16 -4.10 -6.60 5.57
C GLY A 16 -2.91 -5.99 6.30
N GLY A 17 -1.87 -6.78 6.48
CA GLY A 17 -0.68 -6.30 7.18
C GLY A 17 -0.17 -5.00 6.60
N LEU A 18 -0.31 -4.84 5.28
CA LEU A 18 0.16 -3.63 4.60
C LEU A 18 -1.02 -2.80 4.12
N CYS A 19 -0.78 -1.51 3.90
CA CYS A 19 -1.82 -0.61 3.42
C CYS A 19 -1.27 0.37 2.39
N CYS A 20 -2.13 0.81 1.47
CA CYS A 20 -1.72 1.75 0.43
C CYS A 20 -1.50 3.14 1.02
N SER A 21 -0.27 3.64 0.89
CA SER A 21 0.07 4.96 1.40
C SER A 21 -0.40 6.06 0.45
N GLN A 22 -0.24 7.31 0.88
CA GLN A 22 -0.65 8.45 0.06
C GLN A 22 0.25 8.59 -1.16
N TYR A 23 1.35 7.84 -1.17
CA TYR A 23 2.29 7.88 -2.28
C TYR A 23 2.16 6.64 -3.16
N GLY A 24 1.13 5.86 -2.91
CA GLY A 24 0.90 4.65 -3.69
C GLY A 24 1.84 3.53 -3.29
N TYR A 25 2.51 3.69 -2.16
CA TYR A 25 3.44 2.68 -1.66
C TYR A 25 2.86 1.94 -0.47
N CYS A 26 2.94 0.61 -0.51
CA CYS A 26 2.42 -0.23 0.57
C CYS A 26 3.33 -0.15 1.80
N GLY A 27 2.71 0.03 2.96
CA GLY A 27 3.48 0.11 4.19
C GLY A 27 2.66 -0.24 5.42
N SER A 28 3.33 -0.45 6.54
CA SER A 28 2.65 -0.81 7.78
C SER A 28 2.61 0.38 8.73
N GLY A 29 1.61 0.38 9.63
CA GLY A 29 1.49 1.46 10.58
C GLY A 29 0.17 2.21 10.43
N PRO A 30 -0.16 3.06 11.45
CA PRO A 30 -1.39 3.82 11.40
C PRO A 30 -1.28 4.99 10.43
N LYS A 31 -0.04 5.32 10.08
CA LYS A 31 0.23 6.41 9.14
C LYS A 31 0.00 5.96 7.71
N TYR A 32 -0.21 4.67 7.52
CA TYR A 32 -0.44 4.11 6.19
C TYR A 32 -1.80 3.44 6.11
N CYS A 33 -2.24 2.87 7.23
CA CYS A 33 -3.53 2.19 7.28
C CYS A 33 -4.63 3.15 7.73
N ALA A 34 -4.25 4.12 8.56
CA ALA A 34 -5.21 5.10 9.07
C ALA A 34 -6.22 4.46 10.01
N HIS A 35 -5.75 3.54 10.84
CA HIS A 35 -6.60 2.86 11.80
C HIS A 35 -6.73 3.65 13.10
N SER A 1 1.04 -6.67 -7.32
CA SER A 1 1.66 -5.46 -6.76
C SER A 1 3.12 -5.35 -7.19
N GLY A 2 3.48 -4.20 -7.75
CA GLY A 2 4.85 -3.98 -8.18
C GLY A 2 5.86 -4.29 -7.10
N PRO A 3 7.15 -4.36 -7.50
CA PRO A 3 8.17 -4.89 -6.61
C PRO A 3 8.52 -3.88 -5.51
N ASN A 4 8.05 -2.66 -5.70
CA ASN A 4 8.30 -1.59 -4.74
C ASN A 4 7.11 -1.41 -3.80
N GLY A 5 6.08 -2.22 -4.00
CA GLY A 5 4.89 -2.14 -3.17
C GLY A 5 3.88 -1.15 -3.70
N GLN A 6 3.89 -0.93 -5.02
CA GLN A 6 2.97 0.00 -5.64
C GLN A 6 1.55 -0.53 -5.62
N CYS A 7 0.62 0.29 -5.17
CA CYS A 7 -0.79 -0.10 -5.09
C CYS A 7 -1.67 0.85 -5.91
N GLY A 8 -2.74 0.30 -6.48
CA GLY A 8 -3.64 1.11 -7.28
C GLY A 8 -3.84 0.54 -8.67
N PRO A 9 -4.27 1.40 -9.61
CA PRO A 9 -4.97 0.94 -10.80
C PRO A 9 -3.99 0.29 -11.79
N GLY A 10 -3.71 -0.98 -11.55
CA GLY A 10 -2.90 -1.74 -12.48
C GLY A 10 -1.85 -2.59 -11.78
N TRP A 11 -1.69 -2.35 -10.48
CA TRP A 11 -0.72 -3.09 -9.68
C TRP A 11 -1.41 -3.94 -8.62
N GLY A 12 -2.53 -3.43 -8.11
CA GLY A 12 -3.27 -4.16 -7.09
C GLY A 12 -3.23 -3.47 -5.74
N GLY A 13 -3.67 -4.16 -4.70
CA GLY A 13 -3.68 -3.60 -3.37
C GLY A 13 -2.48 -4.02 -2.55
N CYS A 14 -2.56 -3.82 -1.24
CA CYS A 14 -1.48 -4.19 -0.34
C CYS A 14 -1.83 -5.46 0.46
N ARG A 15 -0.81 -6.07 1.05
CA ARG A 15 -1.01 -7.29 1.84
C ARG A 15 -1.85 -6.99 3.08
N GLY A 16 -2.27 -8.05 3.76
CA GLY A 16 -3.07 -7.89 4.96
C GLY A 16 -2.43 -6.95 5.97
N GLY A 17 -1.15 -7.19 6.27
CA GLY A 17 -0.44 -6.35 7.21
C GLY A 17 0.04 -5.05 6.60
N LEU A 18 -0.19 -4.90 5.29
CA LEU A 18 0.23 -3.70 4.58
C LEU A 18 -0.97 -2.86 4.18
N CYS A 19 -0.73 -1.58 3.87
CA CYS A 19 -1.79 -0.68 3.47
C CYS A 19 -1.28 0.35 2.46
N CYS A 20 -2.18 0.81 1.59
CA CYS A 20 -1.81 1.79 0.57
C CYS A 20 -1.57 3.16 1.20
N SER A 21 -0.35 3.66 1.05
CA SER A 21 0.01 4.97 1.60
C SER A 21 -0.48 6.09 0.70
N GLN A 22 -0.31 7.32 1.16
CA GLN A 22 -0.73 8.49 0.39
C GLN A 22 0.14 8.67 -0.85
N TYR A 23 1.23 7.91 -0.91
CA TYR A 23 2.15 8.00 -2.04
C TYR A 23 2.00 6.78 -2.95
N GLY A 24 0.97 5.99 -2.69
CA GLY A 24 0.73 4.80 -3.50
C GLY A 24 1.68 3.68 -3.17
N TYR A 25 2.38 3.80 -2.04
CA TYR A 25 3.33 2.79 -1.61
C TYR A 25 2.80 2.00 -0.42
N CYS A 26 2.87 0.68 -0.51
CA CYS A 26 2.39 -0.19 0.56
C CYS A 26 3.27 -0.05 1.80
N GLY A 27 2.64 -0.05 2.97
CA GLY A 27 3.37 0.09 4.21
C GLY A 27 2.52 -0.23 5.42
N SER A 28 3.17 -0.41 6.57
CA SER A 28 2.46 -0.73 7.81
C SER A 28 2.36 0.51 8.71
N GLY A 29 1.57 0.40 9.76
CA GLY A 29 1.40 1.51 10.69
C GLY A 29 0.08 2.22 10.50
N PRO A 30 -0.30 3.07 11.49
CA PRO A 30 -1.55 3.81 11.41
C PRO A 30 -1.44 4.96 10.42
N LYS A 31 -0.20 5.35 10.13
CA LYS A 31 0.07 6.43 9.20
C LYS A 31 -0.06 5.95 7.75
N TYR A 32 -0.23 4.64 7.58
CA TYR A 32 -0.37 4.06 6.25
C TYR A 32 -1.71 3.37 6.09
N CYS A 33 -2.22 2.82 7.19
CA CYS A 33 -3.50 2.13 7.18
C CYS A 33 -4.65 3.09 7.49
N ALA A 34 -4.41 4.01 8.42
CA ALA A 34 -5.41 4.99 8.80
C ALA A 34 -5.30 6.25 7.95
N HIS A 35 -5.26 6.07 6.64
CA HIS A 35 -5.15 7.20 5.72
C HIS A 35 -3.96 8.09 6.08
N SER A 1 0.75 -6.50 -7.00
CA SER A 1 1.40 -5.23 -6.72
C SER A 1 2.86 -5.27 -7.14
N GLY A 2 3.35 -4.17 -7.70
CA GLY A 2 4.74 -4.11 -8.14
C GLY A 2 5.71 -4.47 -7.04
N PRO A 3 7.00 -4.61 -7.40
CA PRO A 3 7.97 -5.20 -6.50
C PRO A 3 8.36 -4.21 -5.39
N ASN A 4 7.96 -2.96 -5.59
CA ASN A 4 8.25 -1.91 -4.62
C ASN A 4 7.04 -1.65 -3.73
N GLY A 5 5.97 -2.41 -3.94
CA GLY A 5 4.77 -2.25 -3.14
C GLY A 5 3.82 -1.22 -3.71
N GLN A 6 3.87 -1.04 -5.03
CA GLN A 6 3.02 -0.08 -5.70
C GLN A 6 1.56 -0.53 -5.68
N CYS A 7 0.67 0.36 -5.26
CA CYS A 7 -0.75 0.05 -5.20
C CYS A 7 -1.57 1.01 -6.06
N GLY A 8 -2.66 0.51 -6.62
CA GLY A 8 -3.50 1.35 -7.46
C GLY A 8 -3.73 0.75 -8.84
N PRO A 9 -4.10 1.61 -9.82
CA PRO A 9 -4.80 1.14 -11.00
C PRO A 9 -3.85 0.41 -11.95
N GLY A 10 -3.66 -0.88 -11.67
CA GLY A 10 -2.87 -1.72 -12.56
C GLY A 10 -1.90 -2.60 -11.81
N TRP A 11 -1.73 -2.34 -10.52
CA TRP A 11 -0.82 -3.11 -9.69
C TRP A 11 -1.58 -3.87 -8.61
N GLY A 12 -2.66 -3.27 -8.12
CA GLY A 12 -3.47 -3.91 -7.09
C GLY A 12 -3.37 -3.19 -5.76
N GLY A 13 -3.83 -3.85 -4.71
CA GLY A 13 -3.80 -3.25 -3.38
C GLY A 13 -2.71 -3.85 -2.51
N CYS A 14 -2.80 -3.60 -1.20
CA CYS A 14 -1.83 -4.11 -0.25
C CYS A 14 -2.42 -5.22 0.61
N ARG A 15 -1.56 -6.00 1.25
CA ARG A 15 -2.02 -7.09 2.10
C ARG A 15 -0.97 -7.42 3.17
N GLY A 16 -1.23 -8.46 3.95
CA GLY A 16 -0.31 -8.85 5.01
C GLY A 16 -0.03 -7.72 5.99
N GLY A 17 -1.09 -7.01 6.38
CA GLY A 17 -0.94 -5.91 7.31
C GLY A 17 -0.50 -4.63 6.64
N LEU A 18 -0.25 -4.71 5.33
CA LEU A 18 0.18 -3.54 4.57
C LEU A 18 -1.02 -2.77 4.04
N CYS A 19 -0.82 -1.47 3.81
CA CYS A 19 -1.89 -0.62 3.31
C CYS A 19 -1.34 0.41 2.31
N CYS A 20 -2.19 0.87 1.41
CA CYS A 20 -1.80 1.85 0.41
C CYS A 20 -1.53 3.21 1.05
N SER A 21 -0.29 3.68 0.95
CA SER A 21 0.10 4.96 1.53
C SER A 21 -0.32 6.12 0.62
N GLN A 22 -0.12 7.34 1.09
CA GLN A 22 -0.48 8.52 0.33
C GLN A 22 0.43 8.68 -0.89
N TYR A 23 1.49 7.89 -0.94
CA TYR A 23 2.43 7.95 -2.05
C TYR A 23 2.25 6.75 -2.98
N GLY A 24 1.23 5.95 -2.71
CA GLY A 24 0.96 4.79 -3.53
C GLY A 24 1.87 3.62 -3.21
N TYR A 25 2.53 3.71 -2.06
CA TYR A 25 3.44 2.64 -1.63
C TYR A 25 2.88 1.90 -0.43
N CYS A 26 2.90 0.57 -0.50
CA CYS A 26 2.39 -0.26 0.59
C CYS A 26 3.26 -0.12 1.83
N GLY A 27 2.61 0.04 2.98
CA GLY A 27 3.35 0.18 4.23
C GLY A 27 2.49 -0.12 5.45
N SER A 28 3.13 -0.28 6.59
CA SER A 28 2.42 -0.58 7.83
C SER A 28 2.30 0.67 8.71
N GLY A 29 1.52 0.55 9.78
CA GLY A 29 1.33 1.67 10.68
C GLY A 29 0.00 2.35 10.49
N PRO A 30 -0.39 3.22 11.46
CA PRO A 30 -1.67 3.92 11.38
C PRO A 30 -1.59 5.05 10.36
N LYS A 31 -0.37 5.44 10.04
CA LYS A 31 -0.13 6.51 9.07
C LYS A 31 -0.24 5.99 7.63
N TYR A 32 -0.36 4.68 7.50
CA TYR A 32 -0.46 4.04 6.20
C TYR A 32 -1.80 3.31 6.04
N CYS A 33 -2.31 2.80 7.14
CA CYS A 33 -3.58 2.08 7.13
C CYS A 33 -4.73 3.00 7.53
N ALA A 34 -4.43 4.00 8.35
CA ALA A 34 -5.43 4.95 8.80
C ALA A 34 -6.70 4.24 9.26
N HIS A 35 -6.53 3.22 10.08
CA HIS A 35 -7.66 2.46 10.59
C HIS A 35 -8.09 2.96 11.96
N SER A 1 1.12 -6.60 -7.17
CA SER A 1 1.72 -5.33 -6.78
C SER A 1 3.18 -5.25 -7.23
N GLY A 2 3.56 -4.11 -7.79
CA GLY A 2 4.92 -3.93 -8.25
C GLY A 2 5.94 -4.21 -7.16
N PRO A 3 7.23 -4.24 -7.54
CA PRO A 3 8.27 -4.76 -6.66
C PRO A 3 8.59 -3.74 -5.55
N ASN A 4 8.09 -2.53 -5.75
CA ASN A 4 8.30 -1.44 -4.79
C ASN A 4 7.11 -1.30 -3.86
N GLY A 5 6.10 -2.14 -4.07
CA GLY A 5 4.90 -2.09 -3.24
C GLY A 5 3.86 -1.12 -3.78
N GLN A 6 3.91 -0.89 -5.09
CA GLN A 6 2.95 0.02 -5.73
C GLN A 6 1.54 -0.53 -5.66
N CYS A 7 0.61 0.30 -5.21
CA CYS A 7 -0.79 -0.11 -5.10
C CYS A 7 -1.69 0.81 -5.91
N GLY A 8 -2.76 0.25 -6.47
CA GLY A 8 -3.68 1.03 -7.27
C GLY A 8 -3.87 0.47 -8.67
N PRO A 9 -4.33 1.32 -9.60
CA PRO A 9 -5.01 0.84 -10.78
C PRO A 9 -4.02 0.23 -11.78
N GLY A 10 -3.71 -1.05 -11.55
CA GLY A 10 -2.88 -1.78 -12.48
C GLY A 10 -1.81 -2.61 -11.77
N TRP A 11 -1.65 -2.37 -10.47
CA TRP A 11 -0.66 -3.09 -9.69
C TRP A 11 -1.34 -3.96 -8.63
N GLY A 12 -2.46 -3.49 -8.12
CA GLY A 12 -3.19 -4.23 -7.11
C GLY A 12 -3.19 -3.53 -5.76
N GLY A 13 -3.66 -4.23 -4.73
CA GLY A 13 -3.71 -3.65 -3.40
C GLY A 13 -2.53 -4.06 -2.55
N CYS A 14 -2.65 -3.86 -1.24
CA CYS A 14 -1.58 -4.21 -0.30
C CYS A 14 -1.94 -5.46 0.49
N ARG A 15 -0.93 -6.06 1.11
CA ARG A 15 -1.14 -7.26 1.91
C ARG A 15 -1.99 -6.97 3.14
N GLY A 16 -2.42 -8.02 3.83
CA GLY A 16 -3.24 -7.84 5.03
C GLY A 16 -2.61 -6.89 6.02
N GLY A 17 -1.34 -7.10 6.32
CA GLY A 17 -0.64 -6.25 7.27
C GLY A 17 -0.13 -4.97 6.63
N LEU A 18 -0.34 -4.84 5.32
CA LEU A 18 0.10 -3.66 4.59
C LEU A 18 -1.09 -2.81 4.16
N CYS A 19 -0.82 -1.53 3.87
CA CYS A 19 -1.87 -0.61 3.45
C CYS A 19 -1.33 0.40 2.44
N CYS A 20 -2.20 0.86 1.54
CA CYS A 20 -1.80 1.83 0.53
C CYS A 20 -1.54 3.19 1.16
N SER A 21 -0.31 3.67 1.01
CA SER A 21 0.08 4.96 1.57
C SER A 21 -0.37 6.10 0.66
N GLN A 22 -0.18 7.34 1.12
CA GLN A 22 -0.58 8.50 0.35
C GLN A 22 0.31 8.66 -0.89
N TYR A 23 1.38 7.89 -0.95
CA TYR A 23 2.30 7.94 -2.07
C TYR A 23 2.12 6.72 -2.98
N GLY A 24 1.07 5.95 -2.73
CA GLY A 24 0.80 4.77 -3.53
C GLY A 24 1.74 3.62 -3.19
N TYR A 25 2.43 3.74 -2.06
CA TYR A 25 3.36 2.70 -1.63
C TYR A 25 2.80 1.93 -0.44
N CYS A 26 2.85 0.61 -0.52
CA CYS A 26 2.35 -0.25 0.55
C CYS A 26 3.24 -0.14 1.79
N GLY A 27 2.61 -0.05 2.95
CA GLY A 27 3.36 0.05 4.19
C GLY A 27 2.50 -0.24 5.41
N SER A 28 3.14 -0.41 6.56
CA SER A 28 2.44 -0.70 7.80
C SER A 28 2.37 0.54 8.69
N GLY A 29 1.60 0.45 9.77
CA GLY A 29 1.47 1.57 10.68
C GLY A 29 0.15 2.31 10.50
N PRO A 30 -0.19 3.18 11.47
CA PRO A 30 -1.43 3.94 11.41
C PRO A 30 -1.32 5.07 10.38
N LYS A 31 -0.08 5.41 10.05
CA LYS A 31 0.19 6.47 9.08
C LYS A 31 0.03 5.95 7.65
N TYR A 32 -0.15 4.64 7.51
CA TYR A 32 -0.31 4.02 6.20
C TYR A 32 -1.68 3.35 6.08
N CYS A 33 -2.18 2.84 7.20
CA CYS A 33 -3.49 2.18 7.23
C CYS A 33 -4.60 3.16 7.59
N ALA A 34 -4.25 4.16 8.39
CA ALA A 34 -5.21 5.17 8.82
C ALA A 34 -6.52 4.52 9.27
N HIS A 35 -6.45 3.77 10.36
CA HIS A 35 -7.63 3.10 10.90
C HIS A 35 -7.61 3.13 12.42
N SER A 1 1.03 -6.43 -7.45
CA SER A 1 1.62 -5.21 -6.92
C SER A 1 3.09 -5.11 -7.33
N GLY A 2 3.49 -3.93 -7.79
CA GLY A 2 4.86 -3.72 -8.21
C GLY A 2 5.85 -4.12 -7.14
N PRO A 3 7.14 -4.25 -7.53
CA PRO A 3 8.14 -4.87 -6.68
C PRO A 3 8.54 -3.94 -5.54
N ASN A 4 8.14 -2.67 -5.68
CA ASN A 4 8.45 -1.66 -4.68
C ASN A 4 7.26 -1.43 -3.75
N GLY A 5 6.18 -2.18 -3.98
CA GLY A 5 5.00 -2.04 -3.15
C GLY A 5 3.99 -1.07 -3.74
N GLN A 6 3.94 -0.99 -5.06
CA GLN A 6 3.02 -0.09 -5.74
C GLN A 6 1.59 -0.62 -5.68
N CYS A 7 0.67 0.25 -5.26
CA CYS A 7 -0.74 -0.13 -5.16
C CYS A 7 -1.63 0.84 -5.93
N GLY A 8 -2.72 0.33 -6.48
CA GLY A 8 -3.63 1.16 -7.23
C GLY A 8 -3.90 0.63 -8.63
N PRO A 9 -4.35 1.52 -9.54
CA PRO A 9 -5.08 1.07 -10.72
C PRO A 9 -4.16 0.43 -11.75
N GLY A 10 -3.89 -0.86 -11.55
CA GLY A 10 -3.12 -1.62 -12.50
C GLY A 10 -2.08 -2.50 -11.84
N TRP A 11 -1.87 -2.28 -10.55
CA TRP A 11 -0.88 -3.06 -9.79
C TRP A 11 -1.57 -3.91 -8.73
N GLY A 12 -2.65 -3.39 -8.16
CA GLY A 12 -3.37 -4.09 -7.13
C GLY A 12 -3.25 -3.44 -5.77
N GLY A 13 -3.64 -4.16 -4.72
CA GLY A 13 -3.57 -3.62 -3.38
C GLY A 13 -2.37 -4.13 -2.62
N CYS A 14 -2.38 -3.94 -1.30
CA CYS A 14 -1.29 -4.38 -0.45
C CYS A 14 -1.73 -5.54 0.45
N ARG A 15 -0.75 -6.25 1.01
CA ARG A 15 -1.03 -7.38 1.88
C ARG A 15 -1.85 -6.95 3.09
N GLY A 16 -2.60 -7.88 3.67
CA GLY A 16 -3.41 -7.58 4.82
C GLY A 16 -2.62 -6.90 5.92
N GLY A 17 -1.33 -7.18 5.98
CA GLY A 17 -0.48 -6.59 7.00
C GLY A 17 -0.10 -5.16 6.67
N LEU A 18 -0.03 -4.84 5.38
CA LEU A 18 0.32 -3.50 4.93
C LEU A 18 -0.90 -2.76 4.39
N CYS A 19 -0.72 -1.50 4.03
CA CYS A 19 -1.80 -0.68 3.50
C CYS A 19 -1.26 0.32 2.47
N CYS A 20 -2.14 0.72 1.55
CA CYS A 20 -1.76 1.67 0.52
C CYS A 20 -1.53 3.06 1.10
N SER A 21 -0.29 3.55 0.98
CA SER A 21 0.07 4.86 1.50
C SER A 21 -0.38 5.96 0.54
N GLN A 22 -0.21 7.21 0.97
CA GLN A 22 -0.58 8.36 0.16
C GLN A 22 0.31 8.48 -1.06
N TYR A 23 1.39 7.71 -1.08
CA TYR A 23 2.33 7.74 -2.19
C TYR A 23 2.19 6.49 -3.05
N GLY A 24 1.13 5.71 -2.80
CA GLY A 24 0.90 4.50 -3.56
C GLY A 24 1.85 3.38 -3.19
N TYR A 25 2.49 3.52 -2.03
CA TYR A 25 3.44 2.52 -1.55
C TYR A 25 2.89 1.79 -0.33
N CYS A 26 2.94 0.46 -0.37
CA CYS A 26 2.45 -0.35 0.74
C CYS A 26 3.33 -0.18 1.98
N GLY A 27 2.70 0.03 3.13
CA GLY A 27 3.43 0.20 4.36
C GLY A 27 2.58 -0.07 5.59
N SER A 28 3.24 -0.19 6.74
CA SER A 28 2.53 -0.47 7.99
C SER A 28 2.40 0.80 8.83
N GLY A 29 1.64 0.71 9.91
CA GLY A 29 1.44 1.86 10.77
C GLY A 29 0.09 2.52 10.57
N PRO A 30 -0.30 3.42 11.52
CA PRO A 30 -1.58 4.10 11.41
C PRO A 30 -1.51 5.21 10.35
N LYS A 31 -0.29 5.59 10.01
CA LYS A 31 -0.07 6.63 9.01
C LYS A 31 -0.18 6.06 7.60
N TYR A 32 -0.30 4.74 7.51
CA TYR A 32 -0.41 4.08 6.21
C TYR A 32 -1.73 3.34 6.09
N CYS A 33 -2.23 2.84 7.22
CA CYS A 33 -3.50 2.11 7.24
C CYS A 33 -4.65 3.04 7.62
N ALA A 34 -4.35 4.07 8.41
CA ALA A 34 -5.35 5.03 8.84
C ALA A 34 -6.61 4.32 9.33
N HIS A 35 -6.45 3.47 10.35
CA HIS A 35 -7.57 2.73 10.91
C HIS A 35 -8.29 1.93 9.83
N SER A 1 1.04 -6.60 -7.20
CA SER A 1 1.65 -5.33 -6.79
C SER A 1 3.11 -5.28 -7.20
N GLY A 2 3.52 -4.14 -7.76
CA GLY A 2 4.89 -3.97 -8.19
C GLY A 2 5.88 -4.28 -7.08
N PRO A 3 7.19 -4.35 -7.44
CA PRO A 3 8.19 -4.88 -6.54
C PRO A 3 8.51 -3.87 -5.43
N ASN A 4 8.04 -2.64 -5.63
CA ASN A 4 8.27 -1.57 -4.66
C ASN A 4 7.06 -1.39 -3.76
N GLY A 5 6.03 -2.22 -3.98
CA GLY A 5 4.83 -2.13 -3.17
C GLY A 5 3.82 -1.14 -3.72
N GLN A 6 3.87 -0.93 -5.04
CA GLN A 6 2.96 0.00 -5.69
C GLN A 6 1.52 -0.53 -5.65
N CYS A 7 0.59 0.32 -5.22
CA CYS A 7 -0.81 -0.06 -5.13
C CYS A 7 -1.68 0.87 -5.96
N GLY A 8 -2.75 0.33 -6.54
CA GLY A 8 -3.64 1.13 -7.35
C GLY A 8 -3.85 0.56 -8.74
N PRO A 9 -4.26 1.41 -9.69
CA PRO A 9 -4.95 0.94 -10.88
C PRO A 9 -3.98 0.28 -11.85
N GLY A 10 -3.71 -1.00 -11.61
CA GLY A 10 -2.88 -1.77 -12.52
C GLY A 10 -1.85 -2.61 -11.80
N TRP A 11 -1.69 -2.36 -10.50
CA TRP A 11 -0.73 -3.11 -9.69
C TRP A 11 -1.43 -3.94 -8.63
N GLY A 12 -2.55 -3.43 -8.12
CA GLY A 12 -3.30 -4.13 -7.11
C GLY A 12 -3.26 -3.43 -5.77
N GLY A 13 -3.69 -4.14 -4.72
CA GLY A 13 -3.70 -3.56 -3.39
C GLY A 13 -2.53 -4.03 -2.55
N CYS A 14 -2.62 -3.82 -1.24
CA CYS A 14 -1.57 -4.22 -0.32
C CYS A 14 -1.97 -5.47 0.46
N ARG A 15 -0.98 -6.12 1.08
CA ARG A 15 -1.24 -7.32 1.87
C ARG A 15 -1.98 -6.99 3.15
N GLY A 16 -2.40 -8.02 3.87
CA GLY A 16 -3.11 -7.82 5.12
C GLY A 16 -2.34 -6.95 6.10
N GLY A 17 -1.04 -7.19 6.20
CA GLY A 17 -0.21 -6.41 7.11
C GLY A 17 0.31 -5.15 6.47
N LEU A 18 -0.21 -4.82 5.29
CA LEU A 18 0.22 -3.62 4.58
C LEU A 18 -0.99 -2.79 4.15
N CYS A 19 -0.76 -1.52 3.85
CA CYS A 19 -1.82 -0.62 3.43
C CYS A 19 -1.30 0.41 2.42
N CYS A 20 -2.18 0.86 1.53
CA CYS A 20 -1.81 1.84 0.52
C CYS A 20 -1.55 3.20 1.14
N SER A 21 -0.30 3.68 1.01
CA SER A 21 0.08 4.97 1.57
C SER A 21 -0.37 6.11 0.66
N GLN A 22 -0.17 7.34 1.13
CA GLN A 22 -0.57 8.51 0.36
C GLN A 22 0.32 8.67 -0.88
N TYR A 23 1.39 7.88 -0.94
CA TYR A 23 2.31 7.93 -2.08
C TYR A 23 2.13 6.71 -2.97
N GLY A 24 1.07 5.94 -2.72
CA GLY A 24 0.81 4.76 -3.51
C GLY A 24 1.75 3.62 -3.18
N TYR A 25 2.44 3.73 -2.05
CA TYR A 25 3.38 2.71 -1.62
C TYR A 25 2.82 1.93 -0.42
N CYS A 26 2.88 0.61 -0.51
CA CYS A 26 2.38 -0.24 0.57
C CYS A 26 3.27 -0.12 1.81
N GLY A 27 2.63 -0.01 2.97
CA GLY A 27 3.37 0.11 4.21
C GLY A 27 2.52 -0.18 5.43
N SER A 28 3.16 -0.35 6.58
CA SER A 28 2.46 -0.64 7.82
C SER A 28 2.36 0.60 8.70
N GLY A 29 1.60 0.50 9.78
CA GLY A 29 1.44 1.62 10.69
C GLY A 29 0.12 2.33 10.50
N PRO A 30 -0.25 3.21 11.48
CA PRO A 30 -1.49 3.95 11.40
C PRO A 30 -1.40 5.07 10.37
N LYS A 31 -0.17 5.43 10.04
CA LYS A 31 0.09 6.49 9.07
C LYS A 31 -0.05 5.97 7.65
N TYR A 32 -0.21 4.66 7.51
CA TYR A 32 -0.35 4.04 6.20
C TYR A 32 -1.71 3.35 6.07
N CYS A 33 -2.22 2.84 7.18
CA CYS A 33 -3.51 2.15 7.19
C CYS A 33 -4.62 3.11 7.55
N ALA A 34 -4.30 4.12 8.36
CA ALA A 34 -5.29 5.11 8.77
C ALA A 34 -6.58 4.45 9.22
N HIS A 35 -6.45 3.36 9.98
CA HIS A 35 -7.61 2.63 10.47
C HIS A 35 -8.56 2.26 9.33
N SER A 1 0.83 -6.50 -7.03
CA SER A 1 1.47 -5.23 -6.71
C SER A 1 2.94 -5.23 -7.13
N GLY A 2 3.40 -4.10 -7.66
CA GLY A 2 4.78 -4.01 -8.09
C GLY A 2 5.77 -4.35 -6.98
N PRO A 3 7.06 -4.43 -7.33
CA PRO A 3 8.05 -4.98 -6.42
C PRO A 3 8.39 -3.99 -5.31
N ASN A 4 7.94 -2.76 -5.50
CA ASN A 4 8.18 -1.69 -4.53
C ASN A 4 6.95 -1.48 -3.65
N GLY A 5 5.91 -2.27 -3.88
CA GLY A 5 4.69 -2.15 -3.11
C GLY A 5 3.73 -1.15 -3.70
N GLN A 6 3.82 -0.93 -5.01
CA GLN A 6 2.95 0.02 -5.69
C GLN A 6 1.51 -0.45 -5.67
N CYS A 7 0.60 0.42 -5.25
CA CYS A 7 -0.82 0.09 -5.19
C CYS A 7 -1.64 1.04 -6.06
N GLY A 8 -2.72 0.51 -6.64
CA GLY A 8 -3.57 1.32 -7.49
C GLY A 8 -3.78 0.70 -8.86
N PRO A 9 -4.16 1.54 -9.84
CA PRO A 9 -4.85 1.05 -11.03
C PRO A 9 -3.89 0.32 -11.96
N GLY A 10 -3.67 -0.96 -11.66
CA GLY A 10 -2.87 -1.79 -12.54
C GLY A 10 -1.88 -2.65 -11.77
N TRP A 11 -1.74 -2.37 -10.48
CA TRP A 11 -0.81 -3.12 -9.63
C TRP A 11 -1.56 -3.88 -8.55
N GLY A 12 -2.66 -3.30 -8.08
CA GLY A 12 -3.46 -3.93 -7.04
C GLY A 12 -3.38 -3.19 -5.71
N GLY A 13 -3.80 -3.86 -4.65
CA GLY A 13 -3.76 -3.24 -3.33
C GLY A 13 -2.71 -3.86 -2.43
N CYS A 14 -2.80 -3.58 -1.14
CA CYS A 14 -1.84 -4.10 -0.17
C CYS A 14 -2.49 -5.14 0.73
N ARG A 15 -1.67 -5.92 1.43
CA ARG A 15 -2.17 -6.95 2.33
C ARG A 15 -1.09 -7.36 3.33
N GLY A 16 -1.40 -8.36 4.14
CA GLY A 16 -0.46 -8.83 5.14
C GLY A 16 0.02 -7.72 6.06
N GLY A 17 -0.92 -6.92 6.56
CA GLY A 17 -0.56 -5.83 7.45
C GLY A 17 -0.16 -4.58 6.69
N LEU A 18 -0.07 -4.69 5.37
CA LEU A 18 0.32 -3.56 4.54
C LEU A 18 -0.91 -2.79 4.08
N CYS A 19 -0.71 -1.51 3.76
CA CYS A 19 -1.80 -0.65 3.31
C CYS A 19 -1.30 0.39 2.31
N CYS A 20 -2.19 0.82 1.43
CA CYS A 20 -1.84 1.82 0.42
C CYS A 20 -1.59 3.18 1.06
N SER A 21 -0.35 3.65 0.97
CA SER A 21 0.03 4.94 1.53
C SER A 21 -0.39 6.08 0.62
N GLN A 22 -0.20 7.32 1.09
CA GLN A 22 -0.57 8.49 0.31
C GLN A 22 0.34 8.64 -0.90
N TYR A 23 1.42 7.86 -0.93
CA TYR A 23 2.36 7.91 -2.04
C TYR A 23 2.22 6.69 -2.95
N GLY A 24 1.14 5.93 -2.73
CA GLY A 24 0.90 4.75 -3.53
C GLY A 24 1.84 3.60 -3.18
N TYR A 25 2.50 3.72 -2.02
CA TYR A 25 3.44 2.71 -1.58
C TYR A 25 2.86 1.91 -0.40
N CYS A 26 2.94 0.59 -0.48
CA CYS A 26 2.42 -0.28 0.57
C CYS A 26 3.28 -0.16 1.83
N GLY A 27 2.62 0.02 2.97
CA GLY A 27 3.33 0.14 4.23
C GLY A 27 2.50 -0.28 5.42
N SER A 28 3.15 -0.51 6.56
CA SER A 28 2.45 -0.93 7.76
C SER A 28 2.33 0.23 8.75
N GLY A 29 1.31 0.18 9.59
CA GLY A 29 1.10 1.23 10.58
C GLY A 29 -0.19 1.99 10.34
N PRO A 30 -0.60 2.82 11.35
CA PRO A 30 -1.82 3.60 11.23
C PRO A 30 -1.62 4.78 10.28
N LYS A 31 -0.36 5.10 10.04
CA LYS A 31 -0.01 6.21 9.15
C LYS A 31 -0.15 5.81 7.70
N TYR A 32 -0.37 4.52 7.46
CA TYR A 32 -0.53 4.01 6.10
C TYR A 32 -1.89 3.35 5.93
N CYS A 33 -2.40 2.75 7.00
CA CYS A 33 -3.70 2.08 6.97
C CYS A 33 -4.82 3.07 7.26
N ALA A 34 -4.51 4.11 8.04
CA ALA A 34 -5.50 5.12 8.38
C ALA A 34 -4.84 6.48 8.60
N HIS A 35 -4.45 7.12 7.51
CA HIS A 35 -3.81 8.42 7.57
C HIS A 35 -2.60 8.38 8.51
N SER A 1 0.82 -6.51 -6.85
CA SER A 1 1.60 -5.30 -6.65
C SER A 1 2.97 -5.42 -7.31
N GLY A 2 3.56 -4.26 -7.62
CA GLY A 2 4.88 -4.26 -8.25
C GLY A 2 5.99 -4.59 -7.27
N PRO A 3 7.22 -4.73 -7.81
CA PRO A 3 8.31 -5.30 -7.03
C PRO A 3 8.83 -4.28 -6.00
N ASN A 4 8.40 -3.04 -6.17
CA ASN A 4 8.80 -1.96 -5.27
C ASN A 4 7.72 -1.70 -4.23
N GLY A 5 6.65 -2.45 -4.29
CA GLY A 5 5.56 -2.29 -3.34
C GLY A 5 4.53 -1.27 -3.80
N GLN A 6 4.37 -1.17 -5.12
CA GLN A 6 3.41 -0.22 -5.69
C GLN A 6 1.98 -0.64 -5.37
N CYS A 7 1.09 0.34 -5.28
CA CYS A 7 -0.31 0.08 -4.99
C CYS A 7 -1.22 1.09 -5.68
N GLY A 8 -2.35 0.62 -6.19
CA GLY A 8 -3.28 1.50 -6.87
C GLY A 8 -3.59 1.04 -8.28
N PRO A 9 -4.03 1.99 -9.14
CA PRO A 9 -4.81 1.62 -10.31
C PRO A 9 -3.93 1.00 -11.39
N GLY A 10 -3.69 -0.30 -11.24
CA GLY A 10 -2.96 -1.04 -12.26
C GLY A 10 -1.96 -2.00 -11.66
N TRP A 11 -1.72 -1.87 -10.36
CA TRP A 11 -0.77 -2.74 -9.66
C TRP A 11 -1.48 -3.59 -8.62
N GLY A 12 -2.52 -3.03 -8.00
CA GLY A 12 -3.27 -3.75 -7.00
C GLY A 12 -2.97 -3.26 -5.59
N GLY A 13 -3.29 -4.08 -4.60
CA GLY A 13 -3.05 -3.70 -3.22
C GLY A 13 -2.16 -4.69 -2.49
N CYS A 14 -2.17 -4.63 -1.17
CA CYS A 14 -1.35 -5.53 -0.35
C CYS A 14 -2.19 -6.19 0.74
N ARG A 15 -1.66 -7.24 1.33
CA ARG A 15 -2.36 -7.96 2.39
C ARG A 15 -2.52 -7.09 3.63
N GLY A 16 -3.23 -7.61 4.63
CA GLY A 16 -3.46 -6.86 5.85
C GLY A 16 -2.16 -6.33 6.45
N GLY A 17 -1.09 -7.11 6.32
CA GLY A 17 0.19 -6.70 6.85
C GLY A 17 0.63 -5.34 6.34
N LEU A 18 0.10 -4.95 5.18
CA LEU A 18 0.44 -3.67 4.58
C LEU A 18 -0.81 -2.89 4.20
N CYS A 19 -0.63 -1.62 3.86
CA CYS A 19 -1.76 -0.77 3.48
C CYS A 19 -1.33 0.25 2.43
N CYS A 20 -2.26 0.64 1.58
CA CYS A 20 -1.99 1.61 0.53
C CYS A 20 -1.82 3.01 1.10
N SER A 21 -0.63 3.57 0.95
CA SER A 21 -0.34 4.91 1.45
C SER A 21 -0.88 5.97 0.51
N GLN A 22 -0.82 7.23 0.95
CA GLN A 22 -1.30 8.34 0.15
C GLN A 22 -0.41 8.57 -1.07
N TYR A 23 0.73 7.89 -1.08
CA TYR A 23 1.68 8.02 -2.19
C TYR A 23 1.63 6.80 -3.09
N GLY A 24 0.63 5.94 -2.87
CA GLY A 24 0.48 4.75 -3.68
C GLY A 24 1.49 3.68 -3.32
N TYR A 25 2.13 3.85 -2.17
CA TYR A 25 3.14 2.89 -1.71
C TYR A 25 2.63 2.09 -0.52
N CYS A 26 2.78 0.78 -0.59
CA CYS A 26 2.35 -0.11 0.48
C CYS A 26 3.24 0.03 1.70
N GLY A 27 2.62 0.06 2.89
CA GLY A 27 3.38 0.20 4.12
C GLY A 27 2.55 -0.12 5.34
N SER A 28 3.22 -0.27 6.49
CA SER A 28 2.53 -0.58 7.74
C SER A 28 2.41 0.66 8.61
N GLY A 29 1.63 0.55 9.69
CA GLY A 29 1.44 1.67 10.58
C GLY A 29 0.08 2.32 10.41
N PRO A 30 -0.30 3.17 11.40
CA PRO A 30 -1.59 3.85 11.34
C PRO A 30 -1.54 5.00 10.33
N LYS A 31 -0.33 5.43 10.01
CA LYS A 31 -0.12 6.52 9.06
C LYS A 31 -0.25 6.01 7.62
N TYR A 32 -0.37 4.69 7.47
CA TYR A 32 -0.51 4.09 6.15
C TYR A 32 -1.83 3.32 6.04
N CYS A 33 -2.29 2.78 7.15
CA CYS A 33 -3.53 2.03 7.18
C CYS A 33 -4.73 2.95 7.47
N ALA A 34 -4.52 3.90 8.37
CA ALA A 34 -5.56 4.85 8.73
C ALA A 34 -5.52 6.09 7.84
N HIS A 35 -5.53 5.86 6.53
CA HIS A 35 -5.49 6.96 5.57
C HIS A 35 -4.28 7.85 5.80
N SER A 1 0.85 -6.44 -6.99
CA SER A 1 1.47 -5.14 -6.76
C SER A 1 2.94 -5.17 -7.17
N GLY A 2 3.42 -4.04 -7.70
CA GLY A 2 4.81 -3.95 -8.12
C GLY A 2 5.77 -4.32 -7.00
N PRO A 3 7.08 -4.41 -7.35
CA PRO A 3 8.05 -4.99 -6.44
C PRO A 3 8.38 -4.03 -5.29
N ASN A 4 7.95 -2.78 -5.47
CA ASN A 4 8.18 -1.74 -4.48
C ASN A 4 6.95 -1.54 -3.60
N GLY A 5 5.90 -2.32 -3.87
CA GLY A 5 4.68 -2.20 -3.10
C GLY A 5 3.72 -1.18 -3.68
N GLN A 6 3.80 -0.98 -5.00
CA GLN A 6 2.94 -0.02 -5.67
C GLN A 6 1.49 -0.48 -5.66
N CYS A 7 0.60 0.39 -5.24
CA CYS A 7 -0.82 0.08 -5.17
C CYS A 7 -1.64 1.03 -6.05
N GLY A 8 -2.73 0.51 -6.61
CA GLY A 8 -3.58 1.33 -7.47
C GLY A 8 -3.79 0.71 -8.84
N PRO A 9 -4.16 1.55 -9.83
CA PRO A 9 -4.86 1.06 -11.00
C PRO A 9 -3.91 0.32 -11.94
N GLY A 10 -3.70 -0.96 -11.65
CA GLY A 10 -2.91 -1.81 -12.52
C GLY A 10 -1.94 -2.67 -11.75
N TRP A 11 -1.77 -2.38 -10.46
CA TRP A 11 -0.86 -3.14 -9.62
C TRP A 11 -1.61 -3.90 -8.53
N GLY A 12 -2.71 -3.29 -8.05
CA GLY A 12 -3.50 -3.92 -7.01
C GLY A 12 -3.41 -3.19 -5.69
N GLY A 13 -3.82 -3.85 -4.62
CA GLY A 13 -3.78 -3.24 -3.31
C GLY A 13 -2.70 -3.85 -2.42
N CYS A 14 -2.78 -3.58 -1.12
CA CYS A 14 -1.81 -4.10 -0.17
C CYS A 14 -2.44 -5.17 0.73
N ARG A 15 -1.60 -5.99 1.35
CA ARG A 15 -2.07 -7.05 2.23
C ARG A 15 -1.01 -7.41 3.26
N GLY A 16 -1.30 -8.43 4.07
CA GLY A 16 -0.37 -8.86 5.10
C GLY A 16 0.02 -7.73 6.04
N GLY A 17 -0.97 -6.97 6.48
CA GLY A 17 -0.71 -5.87 7.39
C GLY A 17 -0.30 -4.60 6.66
N LEU A 18 -0.11 -4.71 5.34
CA LEU A 18 0.29 -3.56 4.53
C LEU A 18 -0.93 -2.77 4.08
N CYS A 19 -0.72 -1.50 3.77
CA CYS A 19 -1.80 -0.62 3.33
C CYS A 19 -1.30 0.41 2.32
N CYS A 20 -2.18 0.86 1.45
CA CYS A 20 -1.82 1.85 0.43
C CYS A 20 -1.56 3.21 1.07
N SER A 21 -0.32 3.67 0.97
CA SER A 21 0.06 4.96 1.54
C SER A 21 -0.36 6.10 0.63
N GLN A 22 -0.15 7.33 1.10
CA GLN A 22 -0.51 8.51 0.32
C GLN A 22 0.39 8.66 -0.90
N TYR A 23 1.45 7.87 -0.94
CA TYR A 23 2.39 7.91 -2.05
C TYR A 23 2.23 6.69 -2.95
N GLY A 24 1.16 5.94 -2.73
CA GLY A 24 0.91 4.74 -3.52
C GLY A 24 1.84 3.60 -3.16
N TYR A 25 2.50 3.72 -2.02
CA TYR A 25 3.44 2.69 -1.57
C TYR A 25 2.87 1.92 -0.39
N CYS A 26 2.94 0.59 -0.47
CA CYS A 26 2.42 -0.26 0.59
C CYS A 26 3.28 -0.13 1.85
N GLY A 27 2.62 0.03 2.99
CA GLY A 27 3.33 0.17 4.24
C GLY A 27 2.50 -0.26 5.43
N SER A 28 3.16 -0.47 6.57
CA SER A 28 2.47 -0.90 7.79
C SER A 28 2.35 0.25 8.77
N GLY A 29 1.32 0.19 9.62
CA GLY A 29 1.11 1.24 10.60
C GLY A 29 -0.17 2.02 10.36
N PRO A 30 -0.57 2.85 11.36
CA PRO A 30 -1.79 3.63 11.23
C PRO A 30 -1.59 4.81 10.28
N LYS A 31 -0.31 5.13 10.05
CA LYS A 31 0.05 6.24 9.16
C LYS A 31 -0.10 5.83 7.70
N TYR A 32 -0.33 4.54 7.46
CA TYR A 32 -0.49 4.03 6.12
C TYR A 32 -1.87 3.37 5.93
N CYS A 33 -2.38 2.79 7.02
CA CYS A 33 -3.67 2.12 6.99
C CYS A 33 -4.79 3.11 7.29
N ALA A 34 -4.53 4.03 8.23
CA ALA A 34 -5.52 5.03 8.62
C ALA A 34 -5.37 6.29 7.77
N HIS A 35 -5.57 6.15 6.46
CA HIS A 35 -5.47 7.28 5.55
C HIS A 35 -4.11 7.96 5.69
N SER A 1 0.88 -6.50 -7.26
CA SER A 1 1.51 -5.27 -6.78
C SER A 1 3.00 -5.24 -7.17
N GLY A 2 3.43 -4.11 -7.69
CA GLY A 2 4.81 -3.96 -8.10
C GLY A 2 5.79 -4.31 -6.99
N PRO A 3 7.09 -4.40 -7.33
CA PRO A 3 8.07 -4.97 -6.42
C PRO A 3 8.39 -4.00 -5.28
N ASN A 4 7.95 -2.76 -5.46
CA ASN A 4 8.18 -1.72 -4.46
C ASN A 4 6.94 -1.51 -3.60
N GLY A 5 5.90 -2.30 -3.86
CA GLY A 5 4.68 -2.19 -3.09
C GLY A 5 3.71 -1.17 -3.68
N GLN A 6 3.80 -0.97 -4.99
CA GLN A 6 2.94 -0.01 -5.68
C GLN A 6 1.48 -0.49 -5.66
N CYS A 7 0.59 0.41 -5.24
CA CYS A 7 -0.83 0.08 -5.17
C CYS A 7 -1.64 1.03 -6.05
N GLY A 8 -2.73 0.52 -6.61
CA GLY A 8 -3.59 1.33 -7.46
C GLY A 8 -3.80 0.71 -8.83
N PRO A 9 -4.17 1.55 -9.82
CA PRO A 9 -4.87 1.06 -10.99
C PRO A 9 -3.92 0.32 -11.94
N GLY A 10 -3.72 -0.96 -11.64
CA GLY A 10 -2.93 -1.80 -12.52
C GLY A 10 -1.95 -2.67 -11.75
N TRP A 11 -1.79 -2.39 -10.46
CA TRP A 11 -0.87 -3.14 -9.62
C TRP A 11 -1.62 -3.89 -8.52
N GLY A 12 -2.71 -3.29 -8.05
CA GLY A 12 -3.51 -3.91 -7.01
C GLY A 12 -3.42 -3.18 -5.68
N GLY A 13 -3.83 -3.85 -4.61
CA GLY A 13 -3.77 -3.24 -3.29
C GLY A 13 -2.71 -3.84 -2.41
N CYS A 14 -2.79 -3.58 -1.12
CA CYS A 14 -1.82 -4.10 -0.17
C CYS A 14 -2.45 -5.17 0.73
N ARG A 15 -1.60 -5.98 1.35
CA ARG A 15 -2.08 -7.04 2.23
C ARG A 15 -1.01 -7.41 3.26
N GLY A 16 -1.31 -8.42 4.08
CA GLY A 16 -0.37 -8.86 5.10
C GLY A 16 0.02 -7.73 6.04
N GLY A 17 -0.97 -6.97 6.48
CA GLY A 17 -0.71 -5.87 7.39
C GLY A 17 -0.30 -4.60 6.66
N LEU A 18 -0.11 -4.71 5.34
CA LEU A 18 0.29 -3.56 4.53
C LEU A 18 -0.93 -2.76 4.09
N CYS A 19 -0.71 -1.49 3.77
CA CYS A 19 -1.80 -0.62 3.33
C CYS A 19 -1.30 0.41 2.32
N CYS A 20 -2.18 0.86 1.45
CA CYS A 20 -1.82 1.86 0.44
C CYS A 20 -1.56 3.21 1.08
N SER A 21 -0.31 3.68 0.97
CA SER A 21 0.07 4.96 1.54
C SER A 21 -0.35 6.11 0.63
N GLN A 22 -0.14 7.33 1.10
CA GLN A 22 -0.51 8.51 0.32
C GLN A 22 0.39 8.66 -0.90
N TYR A 23 1.45 7.87 -0.94
CA TYR A 23 2.40 7.91 -2.05
C TYR A 23 2.24 6.68 -2.95
N GLY A 24 1.16 5.93 -2.73
CA GLY A 24 0.91 4.74 -3.52
C GLY A 24 1.84 3.60 -3.16
N TYR A 25 2.50 3.72 -2.02
CA TYR A 25 3.44 2.69 -1.57
C TYR A 25 2.87 1.91 -0.39
N CYS A 26 2.94 0.59 -0.47
CA CYS A 26 2.42 -0.26 0.59
C CYS A 26 3.28 -0.13 1.85
N GLY A 27 2.61 0.03 2.99
CA GLY A 27 3.33 0.17 4.25
C GLY A 27 2.50 -0.27 5.44
N SER A 28 3.16 -0.48 6.57
CA SER A 28 2.46 -0.91 7.79
C SER A 28 2.34 0.25 8.78
N GLY A 29 1.32 0.19 9.62
CA GLY A 29 1.11 1.24 10.60
C GLY A 29 -0.17 2.02 10.36
N PRO A 30 -0.57 2.85 11.36
CA PRO A 30 -1.78 3.64 11.23
C PRO A 30 -1.58 4.82 10.27
N LYS A 31 -0.31 5.13 10.05
CA LYS A 31 0.05 6.24 9.16
C LYS A 31 -0.09 5.83 7.70
N TYR A 32 -0.32 4.54 7.46
CA TYR A 32 -0.49 4.03 6.12
C TYR A 32 -1.86 3.37 5.93
N CYS A 33 -2.37 2.79 7.02
CA CYS A 33 -3.67 2.13 6.99
C CYS A 33 -4.79 3.13 7.29
N ALA A 34 -4.53 4.03 8.22
CA ALA A 34 -5.51 5.04 8.60
C ALA A 34 -5.37 6.30 7.76
N HIS A 35 -5.35 6.12 6.44
CA HIS A 35 -5.22 7.25 5.53
C HIS A 35 -5.60 6.84 4.11
N SER A 1 0.85 -6.50 -7.27
CA SER A 1 1.50 -5.29 -6.79
C SER A 1 2.98 -5.27 -7.16
N GLY A 2 3.43 -4.14 -7.70
CA GLY A 2 4.83 -4.01 -8.09
C GLY A 2 5.78 -4.37 -6.97
N PRO A 3 7.08 -4.46 -7.30
CA PRO A 3 8.06 -5.04 -6.38
C PRO A 3 8.38 -4.07 -5.24
N ASN A 4 7.95 -2.82 -5.43
CA ASN A 4 8.18 -1.78 -4.43
C ASN A 4 6.93 -1.56 -3.58
N GLY A 5 5.89 -2.35 -3.84
CA GLY A 5 4.67 -2.22 -3.08
C GLY A 5 3.72 -1.20 -3.67
N GLN A 6 3.79 -1.01 -4.97
CA GLN A 6 2.94 -0.04 -5.66
C GLN A 6 1.48 -0.51 -5.64
N CYS A 7 0.59 0.39 -5.23
CA CYS A 7 -0.83 0.08 -5.17
C CYS A 7 -1.64 1.03 -6.04
N GLY A 8 -2.73 0.53 -6.62
CA GLY A 8 -3.57 1.35 -7.47
C GLY A 8 -3.79 0.74 -8.84
N PRO A 9 -4.14 1.58 -9.83
CA PRO A 9 -4.84 1.11 -11.00
C PRO A 9 -3.89 0.36 -11.94
N GLY A 10 -3.70 -0.92 -11.65
CA GLY A 10 -2.91 -1.78 -12.52
C GLY A 10 -1.94 -2.65 -11.75
N TRP A 11 -1.78 -2.37 -10.46
CA TRP A 11 -0.88 -3.15 -9.62
C TRP A 11 -1.65 -3.88 -8.53
N GLY A 12 -2.74 -3.27 -8.06
CA GLY A 12 -3.54 -3.89 -7.02
C GLY A 12 -3.43 -3.16 -5.70
N GLY A 13 -3.86 -3.84 -4.62
CA GLY A 13 -3.81 -3.23 -3.30
C GLY A 13 -2.72 -3.83 -2.43
N CYS A 14 -2.80 -3.57 -1.14
CA CYS A 14 -1.81 -4.09 -0.18
C CYS A 14 -2.42 -5.18 0.68
N ARG A 15 -1.57 -5.98 1.31
CA ARG A 15 -2.02 -7.06 2.17
C ARG A 15 -0.95 -7.42 3.21
N GLY A 16 -1.23 -8.44 4.01
CA GLY A 16 -0.28 -8.86 5.02
C GLY A 16 0.07 -7.74 5.99
N GLY A 17 -0.94 -7.00 6.42
CA GLY A 17 -0.71 -5.90 7.35
C GLY A 17 -0.30 -4.63 6.63
N LEU A 18 -0.09 -4.71 5.32
CA LEU A 18 0.30 -3.56 4.53
C LEU A 18 -0.92 -2.77 4.08
N CYS A 19 -0.71 -1.49 3.79
CA CYS A 19 -1.80 -0.61 3.35
C CYS A 19 -1.29 0.42 2.34
N CYS A 20 -2.18 0.86 1.46
CA CYS A 20 -1.83 1.85 0.45
C CYS A 20 -1.57 3.21 1.08
N SER A 21 -0.33 3.68 0.98
CA SER A 21 0.05 4.97 1.54
C SER A 21 -0.37 6.12 0.63
N GLN A 22 -0.18 7.34 1.10
CA GLN A 22 -0.54 8.52 0.32
C GLN A 22 0.35 8.67 -0.90
N TYR A 23 1.42 7.88 -0.94
CA TYR A 23 2.36 7.92 -2.06
C TYR A 23 2.20 6.69 -2.96
N GLY A 24 1.13 5.93 -2.72
CA GLY A 24 0.88 4.75 -3.51
C GLY A 24 1.83 3.60 -3.16
N TYR A 25 2.49 3.72 -2.02
CA TYR A 25 3.43 2.70 -1.58
C TYR A 25 2.86 1.93 -0.38
N CYS A 26 2.93 0.60 -0.46
CA CYS A 26 2.43 -0.25 0.61
C CYS A 26 3.29 -0.11 1.86
N GLY A 27 2.63 0.06 3.00
CA GLY A 27 3.34 0.21 4.26
C GLY A 27 2.51 -0.22 5.45
N SER A 28 3.17 -0.43 6.59
CA SER A 28 2.49 -0.86 7.80
C SER A 28 2.37 0.29 8.78
N GLY A 29 1.34 0.23 9.63
CA GLY A 29 1.13 1.28 10.62
C GLY A 29 -0.16 2.04 10.38
N PRO A 30 -0.56 2.88 11.37
CA PRO A 30 -1.79 3.66 11.24
C PRO A 30 -1.58 4.84 10.29
N LYS A 31 -0.32 5.16 10.05
CA LYS A 31 0.04 6.26 9.17
C LYS A 31 -0.11 5.86 7.71
N TYR A 32 -0.34 4.57 7.48
CA TYR A 32 -0.50 4.04 6.13
C TYR A 32 -1.87 3.39 5.95
N CYS A 33 -2.36 2.79 7.04
CA CYS A 33 -3.66 2.13 7.01
C CYS A 33 -4.79 3.12 7.31
N ALA A 34 -4.53 4.04 8.24
CA ALA A 34 -5.53 5.04 8.61
C ALA A 34 -5.39 6.29 7.77
N HIS A 35 -5.26 6.10 6.46
CA HIS A 35 -5.12 7.22 5.54
C HIS A 35 -5.44 6.80 4.10
#